data_2G1Q
#
_entry.id   2G1Q
#
_cell.length_a   68.68
_cell.length_b   79.64
_cell.length_c   158.7
_cell.angle_alpha   90.0
_cell.angle_beta   90.0
_cell.angle_gamma   90.0
#
_symmetry.space_group_name_H-M   'P 21 21 21'
#
loop_
_entity.id
_entity.type
_entity.pdbx_description
1 polymer 'Kinesin-like protein KIF11'
2 non-polymer 'MAGNESIUM ION'
3 non-polymer "ADENOSINE-5'-DIPHOSPHATE"
4 non-polymer (5S)-5-(3-AMINOPROPYL)-3-(2,5-DIFLUOROPHENYL)-N-ETHYL-5-PHENYL-4,5-DIHYDRO-1H-PYRAZOLE-1-CARBOXAMIDE
5 water water
#
_entity_poly.entity_id   1
_entity_poly.type   'polypeptide(L)'
_entity_poly.pdbx_seq_one_letter_code
;MASQPNSSAKKKEEKGKNIQVVVRCRPFNLAERKASAHSIVECDPVRKEVSVRTGGLADKSSRKTYTFDMVFGASTKQID
VYRSVVCPILDEVIMGYNCTIFAYGQTGTGKTFTMEGERSPNEEYTWEEDPLAGIIPRTLHQIFEKLTDNGTEFSVKVSL
LEIYNEELFDLLNPSSDVSERLQMFDDPRNKRGVIIKGLEEITVHNKDEVYQILEKGAAKRTTAATLMNAYSSRSHSVFS
VTIHMKETTIDGEELVKIGKLNLVDLAGSENIGRSGAVDKRAREAGNINQSLLTLGRVITALVERTPHVPYRESKLTRIL
QDSLGGRTRTSIIATISPASLNLEETLSTLEYAHRAKNILNKPEVNQK
;
_entity_poly.pdbx_strand_id   A,B
#
loop_
_chem_comp.id
_chem_comp.type
_chem_comp.name
_chem_comp.formula
ADP non-polymer ADENOSINE-5'-DIPHOSPHATE 'C10 H15 N5 O10 P2'
MG non-polymer 'MAGNESIUM ION' 'Mg 2'
N9H non-polymer (5S)-5-(3-AMINOPROPYL)-3-(2,5-DIFLUOROPHENYL)-N-ETHYL-5-PHENYL-4,5-DIHYDRO-1H-PYRAZOLE-1-CARBOXAMIDE 'C21 H24 F2 N4 O'
#
# COMPACT_ATOMS: atom_id res chain seq x y z
N ASN A 18 -2.73 -25.22 -2.79
CA ASN A 18 -2.37 -25.60 -4.20
C ASN A 18 -1.02 -25.04 -4.67
N ILE A 19 -0.70 -23.79 -4.30
CA ILE A 19 0.60 -23.22 -4.67
C ILE A 19 1.64 -23.96 -3.82
N GLN A 20 2.60 -24.59 -4.48
CA GLN A 20 3.63 -25.33 -3.79
C GLN A 20 4.72 -24.41 -3.25
N VAL A 21 5.14 -24.66 -2.02
CA VAL A 21 6.15 -23.84 -1.37
C VAL A 21 7.30 -24.68 -0.84
N VAL A 22 8.53 -24.30 -1.17
CA VAL A 22 9.68 -25.05 -0.67
C VAL A 22 10.65 -24.10 0.01
N VAL A 23 11.42 -24.62 0.96
CA VAL A 23 12.37 -23.83 1.70
C VAL A 23 13.79 -24.26 1.40
N ARG A 24 14.69 -23.30 1.22
CA ARG A 24 16.06 -23.64 0.98
C ARG A 24 16.96 -22.84 1.89
N CYS A 25 17.65 -23.55 2.78
CA CYS A 25 18.58 -22.91 3.72
C CYS A 25 19.94 -22.97 3.06
N ARG A 26 20.70 -21.89 3.16
CA ARG A 26 22.04 -21.86 2.59
C ARG A 26 23.04 -22.31 3.65
N PRO A 27 24.20 -22.82 3.22
CA PRO A 27 25.18 -23.24 4.22
C PRO A 27 25.91 -22.01 4.73
N PHE A 28 26.74 -22.19 5.76
CA PHE A 28 27.52 -21.10 6.33
C PHE A 28 28.63 -20.71 5.34
N ASN A 29 29.00 -19.43 5.31
CA ASN A 29 30.07 -19.00 4.41
C ASN A 29 31.45 -19.20 5.05
N LEU A 30 32.49 -18.78 4.35
CA LEU A 30 33.86 -18.92 4.84
C LEU A 30 34.12 -18.14 6.15
N ALA A 31 33.41 -17.03 6.32
CA ALA A 31 33.57 -16.20 7.51
C ALA A 31 32.77 -16.68 8.72
N GLU A 32 31.77 -17.53 8.47
CA GLU A 32 30.94 -18.07 9.53
C GLU A 32 31.55 -19.35 10.08
N ARG A 33 32.10 -20.17 9.20
CA ARG A 33 32.75 -21.42 9.61
C ARG A 33 33.95 -21.07 10.48
N LYS A 34 34.64 -19.98 10.09
CA LYS A 34 35.83 -19.48 10.78
C LYS A 34 35.50 -18.88 12.15
N ALA A 35 34.29 -18.32 12.28
CA ALA A 35 33.84 -17.74 13.54
C ALA A 35 33.11 -18.81 14.37
N SER A 36 33.30 -20.06 13.97
CA SER A 36 32.68 -21.20 14.64
C SER A 36 31.19 -20.94 14.85
N ALA A 37 30.43 -21.01 13.78
CA ALA A 37 29.00 -20.75 13.87
C ALA A 37 28.16 -22.00 14.09
N HIS A 38 27.13 -21.82 14.92
CA HIS A 38 26.20 -22.87 15.25
C HIS A 38 24.91 -22.56 14.46
N SER A 39 24.42 -23.52 13.70
CA SER A 39 23.22 -23.31 12.92
C SER A 39 21.97 -23.37 13.79
N ILE A 40 21.15 -22.32 13.76
CA ILE A 40 19.92 -22.34 14.54
C ILE A 40 18.80 -22.95 13.71
N VAL A 41 19.16 -23.48 12.54
CA VAL A 41 18.20 -24.09 11.63
C VAL A 41 18.50 -25.57 11.34
N GLU A 42 17.46 -26.40 11.32
CA GLU A 42 17.60 -27.82 11.02
C GLU A 42 16.53 -28.22 10.02
N CYS A 43 16.93 -28.93 8.98
CA CYS A 43 16.00 -29.35 7.96
C CYS A 43 15.81 -30.85 7.93
N ASP A 44 14.58 -31.27 7.68
CA ASP A 44 14.23 -32.69 7.62
C ASP A 44 13.47 -32.94 6.32
N PRO A 45 14.19 -33.15 5.22
CA PRO A 45 13.56 -33.40 3.92
C PRO A 45 12.48 -34.47 3.93
N VAL A 46 12.75 -35.58 4.62
CA VAL A 46 11.81 -36.69 4.70
C VAL A 46 10.46 -36.24 5.23
N ARG A 47 10.50 -35.59 6.38
CA ARG A 47 9.30 -35.08 7.04
C ARG A 47 8.89 -33.73 6.43
N LYS A 48 9.69 -33.23 5.49
CA LYS A 48 9.43 -31.96 4.83
C LYS A 48 9.18 -30.87 5.87
N GLU A 49 10.03 -30.82 6.88
CA GLU A 49 9.87 -29.85 7.96
C GLU A 49 11.16 -29.07 8.18
N VAL A 50 11.03 -27.87 8.72
CA VAL A 50 12.20 -27.06 9.01
C VAL A 50 12.01 -26.54 10.44
N SER A 51 13.04 -26.74 11.26
CA SER A 51 12.98 -26.34 12.66
C SER A 51 14.01 -25.28 12.98
N VAL A 52 13.58 -24.24 13.67
CA VAL A 52 14.49 -23.16 14.02
C VAL A 52 14.47 -22.82 15.51
N ARG A 53 15.67 -22.78 16.09
CA ARG A 53 15.87 -22.46 17.49
C ARG A 53 15.60 -20.98 17.75
N THR A 54 14.56 -20.68 18.53
CA THR A 54 14.19 -19.29 18.81
C THR A 54 14.71 -18.76 20.14
N GLY A 55 15.46 -19.57 20.86
CA GLY A 55 16.02 -19.16 22.13
C GLY A 55 17.39 -19.77 22.29
N GLY A 56 18.29 -19.07 22.98
CA GLY A 56 19.64 -19.56 23.16
C GLY A 56 19.82 -20.97 23.71
N LEU A 57 21.05 -21.45 23.63
CA LEU A 57 21.47 -22.77 24.11
C LEU A 57 21.01 -23.99 23.30
N ALA A 58 21.98 -24.74 22.80
CA ALA A 58 21.73 -25.97 22.04
C ALA A 58 21.65 -27.15 23.02
N ASP A 59 21.73 -26.81 24.31
CA ASP A 59 21.66 -27.76 25.42
C ASP A 59 20.23 -27.80 25.94
N LYS A 60 19.50 -26.70 25.71
CA LYS A 60 18.10 -26.56 26.12
C LYS A 60 17.51 -25.32 25.45
N SER A 61 16.33 -25.43 24.86
CA SER A 61 15.74 -24.27 24.21
C SER A 61 14.38 -24.45 23.56
N SER A 62 13.80 -23.33 23.14
CA SER A 62 12.51 -23.32 22.47
C SER A 62 12.79 -23.56 21.00
N ARG A 63 11.76 -23.97 20.28
CA ARG A 63 11.87 -24.24 18.85
C ARG A 63 10.55 -23.92 18.17
N LYS A 64 10.65 -23.55 16.89
CA LYS A 64 9.45 -23.29 16.11
C LYS A 64 9.58 -24.15 14.85
N THR A 65 8.51 -24.89 14.54
CA THR A 65 8.50 -25.81 13.41
C THR A 65 7.49 -25.49 12.29
N TYR A 66 7.86 -25.78 11.05
CA TYR A 66 6.98 -25.51 9.91
C TYR A 66 7.04 -26.64 8.90
N THR A 67 5.92 -26.94 8.27
CA THR A 67 5.91 -28.00 7.27
C THR A 67 5.63 -27.38 5.91
N PHE A 68 6.42 -27.75 4.91
CA PHE A 68 6.22 -27.22 3.56
C PHE A 68 6.10 -28.39 2.60
N ASP A 69 5.80 -28.09 1.34
CA ASP A 69 5.68 -29.14 0.34
C ASP A 69 7.04 -29.82 0.17
N MET A 70 8.12 -29.07 0.36
CA MET A 70 9.47 -29.59 0.27
C MET A 70 10.47 -28.70 1.04
N VAL A 71 11.50 -29.31 1.60
CA VAL A 71 12.53 -28.56 2.31
C VAL A 71 13.87 -29.08 1.87
N PHE A 72 14.79 -28.16 1.64
CA PHE A 72 16.14 -28.49 1.20
C PHE A 72 17.12 -27.87 2.15
N GLY A 73 17.92 -28.72 2.79
CA GLY A 73 18.90 -28.25 3.75
C GLY A 73 20.10 -27.58 3.11
N ALA A 74 21.03 -27.12 3.96
CA ALA A 74 22.24 -26.44 3.49
C ALA A 74 23.12 -27.26 2.58
N SER A 75 23.05 -28.59 2.67
CA SER A 75 23.88 -29.43 1.83
C SER A 75 23.32 -29.58 0.43
N THR A 76 22.09 -29.12 0.21
CA THR A 76 21.47 -29.25 -1.09
C THR A 76 22.26 -28.61 -2.22
N LYS A 77 22.58 -29.39 -3.23
CA LYS A 77 23.31 -28.86 -4.36
C LYS A 77 22.31 -28.33 -5.39
N GLN A 78 22.82 -27.54 -6.32
CA GLN A 78 22.04 -26.94 -7.39
C GLN A 78 21.32 -27.97 -8.25
N ILE A 79 21.98 -29.09 -8.54
CA ILE A 79 21.37 -30.16 -9.33
C ILE A 79 20.23 -30.80 -8.55
N ASP A 80 20.27 -30.73 -7.23
CA ASP A 80 19.21 -31.30 -6.42
C ASP A 80 17.94 -30.46 -6.53
N VAL A 81 18.11 -29.14 -6.68
CA VAL A 81 16.99 -28.25 -6.80
C VAL A 81 16.37 -28.42 -8.19
N TYR A 82 17.22 -28.62 -9.19
CA TYR A 82 16.72 -28.79 -10.54
C TYR A 82 15.92 -30.08 -10.71
N ARG A 83 16.56 -31.22 -10.48
CA ARG A 83 15.85 -32.49 -10.64
C ARG A 83 14.56 -32.54 -9.84
N SER A 84 14.62 -32.04 -8.60
CA SER A 84 13.47 -32.07 -7.73
C SER A 84 12.36 -31.05 -8.00
N VAL A 85 12.69 -29.77 -8.15
CA VAL A 85 11.61 -28.83 -8.39
C VAL A 85 11.43 -28.36 -9.83
N VAL A 86 12.51 -27.92 -10.48
CA VAL A 86 12.41 -27.39 -11.83
C VAL A 86 12.01 -28.35 -12.95
N CYS A 87 12.68 -29.48 -13.03
CA CYS A 87 12.40 -30.44 -14.08
C CYS A 87 10.91 -30.75 -14.23
N PRO A 88 10.20 -31.00 -13.12
CA PRO A 88 8.77 -31.27 -13.30
C PRO A 88 8.02 -30.06 -13.90
N ILE A 89 8.23 -28.88 -13.29
CA ILE A 89 7.60 -27.64 -13.73
C ILE A 89 7.85 -27.39 -15.22
N LEU A 90 9.09 -27.59 -15.65
CA LEU A 90 9.45 -27.41 -17.04
C LEU A 90 8.63 -28.33 -17.92
N ASP A 91 8.51 -29.59 -17.50
CA ASP A 91 7.72 -30.57 -18.27
C ASP A 91 6.34 -30.00 -18.52
N GLU A 92 5.68 -29.55 -17.45
CA GLU A 92 4.35 -28.98 -17.57
C GLU A 92 4.33 -27.80 -18.55
N VAL A 93 5.39 -27.02 -18.60
CA VAL A 93 5.47 -25.90 -19.52
C VAL A 93 5.52 -26.44 -20.96
N ILE A 94 6.24 -27.55 -21.14
CA ILE A 94 6.38 -28.19 -22.44
C ILE A 94 5.03 -28.72 -22.94
N MET A 95 4.14 -29.09 -22.01
CA MET A 95 2.82 -29.59 -22.35
C MET A 95 1.90 -28.48 -22.86
N GLY A 96 2.35 -27.22 -22.72
CA GLY A 96 1.57 -26.09 -23.19
C GLY A 96 0.91 -25.24 -22.11
N TYR A 97 1.39 -25.35 -20.89
CA TYR A 97 0.82 -24.58 -19.77
C TYR A 97 1.76 -23.45 -19.33
N ASN A 98 1.32 -22.62 -18.39
CA ASN A 98 2.15 -21.55 -17.90
C ASN A 98 2.54 -21.84 -16.46
N CYS A 99 3.80 -21.57 -16.12
CA CYS A 99 4.28 -21.79 -14.75
C CYS A 99 5.18 -20.66 -14.30
N THR A 100 5.14 -20.37 -13.00
CA THR A 100 5.96 -19.33 -12.43
C THR A 100 6.65 -19.84 -11.17
N ILE A 101 7.89 -19.43 -10.96
CA ILE A 101 8.60 -19.82 -9.75
C ILE A 101 9.15 -18.53 -9.11
N PHE A 102 8.76 -18.27 -7.86
CA PHE A 102 9.27 -17.09 -7.15
C PHE A 102 10.40 -17.53 -6.24
N ALA A 103 11.27 -16.60 -5.88
CA ALA A 103 12.35 -16.88 -4.92
C ALA A 103 12.09 -15.77 -3.91
N TYR A 104 11.79 -16.14 -2.68
CA TYR A 104 11.50 -15.14 -1.67
C TYR A 104 12.47 -15.29 -0.51
N GLY A 105 12.93 -14.17 0.04
CA GLY A 105 13.86 -14.24 1.16
C GLY A 105 14.69 -13.01 1.38
N GLN A 106 15.29 -12.94 2.56
CA GLN A 106 16.14 -11.82 2.92
C GLN A 106 17.35 -11.75 2.00
N THR A 107 17.91 -10.55 1.83
CA THR A 107 19.09 -10.41 1.01
C THR A 107 20.20 -11.24 1.64
N GLY A 108 20.95 -11.97 0.82
CA GLY A 108 22.02 -12.79 1.36
C GLY A 108 21.65 -14.21 1.73
N THR A 109 20.42 -14.64 1.45
CA THR A 109 20.03 -16.01 1.80
C THR A 109 20.08 -16.96 0.59
N GLY A 110 20.23 -16.40 -0.61
CA GLY A 110 20.33 -17.20 -1.82
C GLY A 110 19.30 -17.09 -2.93
N LYS A 111 18.47 -16.06 -2.96
CA LYS A 111 17.46 -15.94 -4.03
C LYS A 111 18.14 -16.05 -5.41
N THR A 112 19.12 -15.18 -5.66
CA THR A 112 19.86 -15.15 -6.91
C THR A 112 20.68 -16.41 -7.13
N PHE A 113 21.26 -16.93 -6.06
CA PHE A 113 22.05 -18.15 -6.21
C PHE A 113 21.14 -19.26 -6.73
N THR A 114 19.94 -19.35 -6.20
CA THR A 114 19.01 -20.39 -6.61
C THR A 114 18.51 -20.19 -8.03
N MET A 115 18.00 -19.00 -8.32
CA MET A 115 17.46 -18.67 -9.63
C MET A 115 18.46 -18.58 -10.78
N GLU A 116 19.62 -17.96 -10.55
CA GLU A 116 20.62 -17.80 -11.59
C GLU A 116 21.86 -18.68 -11.38
N GLY A 117 22.34 -18.72 -10.15
CA GLY A 117 23.52 -19.51 -9.86
C GLY A 117 24.78 -18.71 -10.08
N GLU A 118 25.92 -19.38 -10.14
CA GLU A 118 27.19 -18.70 -10.32
C GLU A 118 28.13 -19.49 -11.20
N ARG A 119 29.37 -19.05 -11.25
CA ARG A 119 30.38 -19.73 -12.04
C ARG A 119 31.42 -20.26 -11.05
N SER A 120 31.89 -21.49 -11.26
CA SER A 120 32.92 -22.04 -10.40
C SER A 120 34.17 -21.24 -10.69
N PRO A 121 34.96 -20.97 -9.67
CA PRO A 121 36.20 -20.20 -9.84
C PRO A 121 37.22 -20.81 -10.81
N ASN A 122 38.13 -19.96 -11.25
CA ASN A 122 39.21 -20.35 -12.15
C ASN A 122 38.79 -21.04 -13.45
N GLU A 123 37.63 -20.65 -13.99
CA GLU A 123 37.14 -21.23 -15.23
C GLU A 123 37.25 -22.75 -15.27
N GLU A 124 36.88 -23.41 -14.19
CA GLU A 124 36.95 -24.86 -14.11
C GLU A 124 35.98 -25.60 -15.04
N TYR A 125 34.84 -25.01 -15.38
CA TYR A 125 33.89 -25.67 -16.27
C TYR A 125 33.30 -24.72 -17.29
N THR A 126 32.58 -25.28 -18.26
CA THR A 126 31.92 -24.48 -19.28
C THR A 126 30.56 -24.18 -18.63
N TRP A 127 29.89 -23.11 -19.05
CA TRP A 127 28.61 -22.72 -18.45
C TRP A 127 27.55 -23.83 -18.36
N GLU A 128 27.50 -24.68 -19.37
CA GLU A 128 26.52 -25.76 -19.45
C GLU A 128 26.80 -26.93 -18.52
N GLU A 129 27.95 -26.94 -17.86
CA GLU A 129 28.32 -28.02 -16.95
C GLU A 129 28.70 -27.55 -15.54
N ASP A 130 28.76 -26.24 -15.34
CA ASP A 130 29.11 -25.71 -14.03
C ASP A 130 28.08 -26.15 -13.00
N PRO A 131 28.51 -26.91 -12.00
CA PRO A 131 27.56 -27.36 -10.98
C PRO A 131 26.94 -26.23 -10.16
N LEU A 132 27.47 -25.01 -10.29
CA LEU A 132 26.95 -23.86 -9.56
C LEU A 132 25.86 -23.13 -10.35
N ALA A 133 25.63 -23.55 -11.60
CA ALA A 133 24.59 -22.95 -12.43
C ALA A 133 23.25 -23.10 -11.73
N GLY A 134 22.45 -22.04 -11.70
CA GLY A 134 21.14 -22.07 -11.06
C GLY A 134 20.02 -22.41 -12.03
N ILE A 135 18.77 -22.18 -11.62
CA ILE A 135 17.60 -22.51 -12.44
C ILE A 135 17.53 -21.97 -13.85
N ILE A 136 17.74 -20.67 -14.02
CA ILE A 136 17.65 -20.05 -15.34
C ILE A 136 18.57 -20.66 -16.40
N PRO A 137 19.89 -20.72 -16.14
CA PRO A 137 20.75 -21.32 -17.16
C PRO A 137 20.44 -22.79 -17.43
N ARG A 138 20.21 -23.57 -16.38
CA ARG A 138 19.89 -24.99 -16.58
C ARG A 138 18.66 -25.16 -17.44
N THR A 139 17.58 -24.44 -17.09
CA THR A 139 16.33 -24.49 -17.82
C THR A 139 16.54 -24.21 -19.30
N LEU A 140 17.12 -23.06 -19.61
CA LEU A 140 17.39 -22.71 -21.00
C LEU A 140 18.16 -23.79 -21.74
N HIS A 141 19.09 -24.46 -21.05
CA HIS A 141 19.90 -25.51 -21.66
C HIS A 141 19.12 -26.82 -21.85
N GLN A 142 18.22 -27.12 -20.92
CA GLN A 142 17.42 -28.33 -21.00
C GLN A 142 16.28 -28.24 -22.00
N ILE A 143 15.80 -27.02 -22.27
CA ILE A 143 14.74 -26.85 -23.23
C ILE A 143 15.27 -27.30 -24.59
N PHE A 144 16.50 -26.90 -24.91
CA PHE A 144 17.18 -27.26 -26.14
C PHE A 144 17.67 -28.71 -26.18
N GLU A 145 17.56 -29.44 -25.09
CA GLU A 145 18.01 -30.82 -25.05
C GLU A 145 16.84 -31.76 -24.75
N LYS A 146 15.65 -31.19 -24.72
CA LYS A 146 14.43 -31.92 -24.44
C LYS A 146 13.64 -32.02 -25.75
N LEU A 147 13.53 -30.89 -26.44
CA LEU A 147 12.80 -30.80 -27.70
C LEU A 147 13.64 -31.22 -28.91
N THR A 148 14.90 -30.80 -28.94
CA THR A 148 15.80 -31.15 -30.04
C THR A 148 15.96 -32.67 -30.13
N ASP A 149 16.12 -33.29 -28.96
CA ASP A 149 16.29 -34.74 -28.81
C ASP A 149 14.97 -35.51 -28.93
N ASN A 150 14.08 -35.00 -29.76
CA ASN A 150 12.76 -35.58 -30.02
C ASN A 150 12.22 -35.00 -31.34
N GLY A 151 13.08 -34.27 -32.04
CA GLY A 151 12.72 -33.67 -33.32
C GLY A 151 11.38 -32.98 -33.37
N THR A 152 11.22 -31.90 -32.62
CA THR A 152 9.96 -31.16 -32.62
C THR A 152 10.29 -29.76 -33.10
N GLU A 153 9.42 -29.18 -33.92
CA GLU A 153 9.68 -27.83 -34.41
C GLU A 153 9.35 -26.88 -33.25
N PHE A 154 10.35 -26.17 -32.73
CA PHE A 154 10.11 -25.25 -31.63
C PHE A 154 10.81 -23.91 -31.76
N SER A 155 10.46 -23.00 -30.87
CA SER A 155 11.05 -21.67 -30.88
C SER A 155 11.03 -21.09 -29.46
N VAL A 156 12.20 -20.66 -28.99
CA VAL A 156 12.31 -20.10 -27.66
C VAL A 156 12.54 -18.59 -27.65
N LYS A 157 11.73 -17.90 -26.86
CA LYS A 157 11.81 -16.45 -26.70
C LYS A 157 12.07 -16.13 -25.23
N VAL A 158 12.93 -15.15 -24.97
CA VAL A 158 13.21 -14.79 -23.59
C VAL A 158 13.07 -13.29 -23.39
N SER A 159 12.75 -12.90 -22.16
CA SER A 159 12.61 -11.50 -21.83
C SER A 159 12.95 -11.35 -20.35
N LEU A 160 13.51 -10.19 -20.01
CA LEU A 160 13.92 -9.91 -18.66
C LEU A 160 13.40 -8.54 -18.25
N LEU A 161 12.24 -8.56 -17.62
CA LEU A 161 11.57 -7.35 -17.16
C LEU A 161 11.87 -7.16 -15.67
N GLU A 162 12.41 -6.00 -15.28
CA GLU A 162 12.72 -5.76 -13.89
C GLU A 162 11.97 -4.55 -13.32
N ILE A 163 11.73 -4.57 -12.02
CA ILE A 163 10.98 -3.50 -11.37
C ILE A 163 11.81 -2.90 -10.26
N TYR A 164 11.91 -1.57 -10.25
CA TYR A 164 12.67 -0.84 -9.23
C TYR A 164 11.90 0.45 -8.95
N ASN A 165 11.50 0.64 -7.69
CA ASN A 165 10.73 1.82 -7.29
C ASN A 165 9.53 2.07 -8.21
N GLU A 166 8.83 0.98 -8.53
CA GLU A 166 7.65 0.98 -9.39
C GLU A 166 7.84 1.46 -10.82
N GLU A 167 9.05 1.28 -11.35
CA GLU A 167 9.35 1.63 -12.73
C GLU A 167 9.80 0.33 -13.37
N LEU A 168 9.49 0.14 -14.65
CA LEU A 168 9.85 -1.08 -15.36
C LEU A 168 11.08 -0.90 -16.23
N PHE A 169 11.95 -1.89 -16.21
CA PHE A 169 13.16 -1.84 -17.01
C PHE A 169 13.35 -3.13 -17.78
N ASP A 170 13.99 -3.02 -18.93
CA ASP A 170 14.29 -4.15 -19.80
C ASP A 170 15.79 -4.37 -19.67
N LEU A 171 16.19 -5.51 -19.13
CA LEU A 171 17.63 -5.80 -18.97
C LEU A 171 18.22 -6.67 -20.08
N LEU A 172 17.62 -6.67 -21.27
CA LEU A 172 18.15 -7.51 -22.34
C LEU A 172 18.26 -6.90 -23.73
N ASN A 173 17.45 -5.92 -24.07
CA ASN A 173 17.58 -5.33 -25.40
C ASN A 173 18.81 -4.43 -25.38
N PRO A 174 19.75 -4.68 -26.32
CA PRO A 174 21.00 -3.91 -26.43
C PRO A 174 20.89 -2.55 -27.14
N SER A 175 19.71 -2.22 -27.64
CA SER A 175 19.50 -0.95 -28.34
C SER A 175 19.54 0.25 -27.39
N SER A 176 18.76 0.18 -26.32
CA SER A 176 18.72 1.26 -25.34
C SER A 176 19.30 0.81 -24.02
N ASP A 177 19.61 1.78 -23.16
CA ASP A 177 20.18 1.51 -21.85
C ASP A 177 19.09 1.35 -20.79
N VAL A 178 19.49 0.86 -19.61
CA VAL A 178 18.56 0.65 -18.50
C VAL A 178 18.04 1.92 -17.83
N SER A 179 18.23 3.07 -18.47
CA SER A 179 17.74 4.32 -17.94
C SER A 179 16.41 4.65 -18.62
N GLU A 180 16.05 3.82 -19.59
CA GLU A 180 14.81 3.95 -20.36
C GLU A 180 13.74 3.17 -19.59
N ARG A 181 12.76 3.89 -19.06
CA ARG A 181 11.67 3.29 -18.30
C ARG A 181 10.53 2.89 -19.24
N LEU A 182 10.14 1.62 -19.20
CA LEU A 182 9.05 1.10 -20.03
C LEU A 182 7.69 1.48 -19.47
N GLN A 183 6.66 1.51 -20.32
CA GLN A 183 5.30 1.84 -19.88
C GLN A 183 4.41 0.60 -19.87
N MET A 184 3.46 0.56 -18.94
CA MET A 184 2.57 -0.58 -18.80
C MET A 184 1.09 -0.22 -18.94
N PHE A 185 0.35 -0.99 -19.73
CA PHE A 185 -1.07 -0.75 -19.94
C PHE A 185 -1.84 -2.05 -19.81
N ASP A 186 -3.15 -1.98 -19.69
CA ASP A 186 -3.94 -3.20 -19.58
C ASP A 186 -4.19 -3.79 -20.97
N ASP A 187 -4.06 -5.10 -21.08
CA ASP A 187 -4.24 -5.80 -22.34
C ASP A 187 -5.72 -6.09 -22.54
N PRO A 188 -6.41 -5.26 -23.34
CA PRO A 188 -7.84 -5.43 -23.60
C PRO A 188 -8.26 -6.79 -24.17
N ARG A 189 -7.33 -7.49 -24.81
CA ARG A 189 -7.63 -8.80 -25.38
C ARG A 189 -7.96 -9.81 -24.27
N ASN A 190 -6.92 -10.39 -23.66
CA ASN A 190 -7.13 -11.39 -22.60
C ASN A 190 -7.05 -10.81 -21.19
N LYS A 191 -8.11 -11.06 -20.41
CA LYS A 191 -8.26 -10.60 -19.02
C LYS A 191 -7.06 -10.94 -18.13
N ARG A 192 -6.91 -10.20 -17.03
CA ARG A 192 -5.83 -10.42 -16.08
C ARG A 192 -4.44 -10.39 -16.72
N GLY A 193 -4.25 -9.49 -17.67
CA GLY A 193 -2.98 -9.40 -18.35
C GLY A 193 -2.63 -7.96 -18.67
N VAL A 194 -1.38 -7.73 -19.03
CA VAL A 194 -0.92 -6.39 -19.36
C VAL A 194 -0.04 -6.37 -20.59
N ILE A 195 0.21 -5.16 -21.09
CA ILE A 195 1.07 -4.99 -22.23
C ILE A 195 2.17 -4.04 -21.81
N ILE A 196 3.42 -4.45 -22.02
CA ILE A 196 4.53 -3.59 -21.69
C ILE A 196 5.06 -3.05 -23.01
N LYS A 197 4.88 -1.75 -23.22
CA LYS A 197 5.33 -1.10 -24.43
C LYS A 197 6.86 -1.07 -24.43
N GLY A 198 7.46 -1.55 -25.51
CA GLY A 198 8.90 -1.53 -25.59
C GLY A 198 9.62 -2.71 -24.96
N LEU A 199 8.89 -3.65 -24.37
CA LEU A 199 9.53 -4.81 -23.77
C LEU A 199 10.10 -5.63 -24.94
N GLU A 200 11.34 -6.07 -24.79
CA GLU A 200 11.99 -6.84 -25.84
C GLU A 200 11.90 -8.36 -25.65
N GLU A 201 11.64 -9.08 -26.74
CA GLU A 201 11.58 -10.53 -26.70
C GLU A 201 12.69 -11.06 -27.61
N ILE A 202 13.81 -11.41 -27.01
CA ILE A 202 14.94 -11.94 -27.78
C ILE A 202 14.64 -13.38 -28.14
N THR A 203 15.04 -13.78 -29.35
CA THR A 203 14.82 -15.14 -29.80
C THR A 203 16.10 -15.93 -29.57
N VAL A 204 15.98 -17.10 -28.94
CA VAL A 204 17.16 -17.94 -28.71
C VAL A 204 17.10 -19.09 -29.69
N HIS A 205 17.96 -19.02 -30.70
CA HIS A 205 18.03 -20.02 -31.76
C HIS A 205 18.76 -21.32 -31.40
N ASN A 206 19.75 -21.26 -30.53
CA ASN A 206 20.48 -22.47 -30.16
C ASN A 206 21.16 -22.36 -28.80
N LYS A 207 21.59 -23.50 -28.27
CA LYS A 207 22.25 -23.51 -26.97
C LYS A 207 23.41 -22.53 -26.90
N ASP A 208 24.26 -22.52 -27.92
CA ASP A 208 25.42 -21.63 -27.98
C ASP A 208 25.02 -20.15 -27.94
N GLU A 209 23.72 -19.89 -27.96
CA GLU A 209 23.21 -18.53 -27.94
C GLU A 209 22.65 -18.07 -26.58
N VAL A 210 22.33 -19.01 -25.70
CA VAL A 210 21.80 -18.62 -24.40
C VAL A 210 22.82 -17.95 -23.46
N TYR A 211 24.03 -18.47 -23.38
CA TYR A 211 25.03 -17.87 -22.50
C TYR A 211 25.30 -16.43 -22.90
N GLN A 212 25.44 -16.22 -24.19
CA GLN A 212 25.67 -14.90 -24.77
C GLN A 212 24.60 -13.92 -24.28
N ILE A 213 23.36 -14.38 -24.27
CA ILE A 213 22.25 -13.55 -23.82
C ILE A 213 22.40 -13.19 -22.35
N LEU A 214 22.70 -14.18 -21.51
CA LEU A 214 22.89 -13.94 -20.08
C LEU A 214 24.08 -12.99 -19.86
N GLU A 215 25.14 -13.17 -20.65
CA GLU A 215 26.31 -12.31 -20.55
C GLU A 215 25.87 -10.84 -20.69
N LYS A 216 25.05 -10.58 -21.71
CA LYS A 216 24.54 -9.23 -21.94
C LYS A 216 23.70 -8.73 -20.76
N GLY A 217 22.78 -9.57 -20.29
CA GLY A 217 21.94 -9.20 -19.16
C GLY A 217 22.77 -8.79 -17.96
N ALA A 218 23.81 -9.56 -17.67
CA ALA A 218 24.70 -9.30 -16.56
C ALA A 218 25.38 -7.94 -16.72
N ALA A 219 25.84 -7.64 -17.94
CA ALA A 219 26.49 -6.36 -18.19
C ALA A 219 25.52 -5.20 -17.94
N LYS A 220 24.25 -5.37 -18.30
CA LYS A 220 23.25 -4.33 -18.06
C LYS A 220 22.89 -4.27 -16.56
N ARG A 221 22.88 -5.42 -15.90
CA ARG A 221 22.60 -5.49 -14.48
C ARG A 221 23.58 -4.58 -13.75
N THR A 222 24.83 -4.58 -14.20
CA THR A 222 25.87 -3.76 -13.60
C THR A 222 25.53 -2.29 -13.77
N THR A 223 25.09 -1.91 -14.98
CA THR A 223 24.74 -0.53 -15.26
C THR A 223 23.60 -0.07 -14.36
N ALA A 224 22.56 -0.89 -14.23
CA ALA A 224 21.43 -0.56 -13.38
C ALA A 224 21.92 -0.36 -11.95
N ALA A 225 22.87 -1.20 -11.53
CA ALA A 225 23.40 -1.09 -10.19
C ALA A 225 24.11 0.24 -9.96
N THR A 226 24.89 0.69 -10.93
CA THR A 226 25.60 1.95 -10.72
C THR A 226 24.60 3.10 -10.77
N LEU A 227 23.55 2.98 -11.58
CA LEU A 227 22.54 4.04 -11.68
C LEU A 227 21.52 4.11 -10.55
N MET A 228 21.12 2.96 -10.01
CA MET A 228 20.10 2.91 -8.96
C MET A 228 20.64 2.31 -7.66
N ASN A 229 20.28 2.93 -6.53
CA ASN A 229 20.73 2.52 -5.21
C ASN A 229 20.37 1.12 -4.79
N ALA A 230 21.38 0.34 -4.41
CA ALA A 230 21.17 -1.03 -3.98
C ALA A 230 20.23 -1.71 -4.98
N TYR A 231 20.50 -1.54 -6.26
CA TYR A 231 19.62 -2.13 -7.26
C TYR A 231 19.38 -3.62 -7.11
N SER A 232 20.43 -4.38 -6.79
CA SER A 232 20.32 -5.83 -6.67
C SER A 232 19.48 -6.31 -5.49
N SER A 233 19.33 -5.48 -4.47
CA SER A 233 18.55 -5.87 -3.31
C SER A 233 17.11 -5.38 -3.40
N ARG A 234 16.91 -4.22 -4.00
CA ARG A 234 15.59 -3.62 -4.08
C ARG A 234 14.78 -3.89 -5.31
N SER A 235 15.36 -4.54 -6.31
CA SER A 235 14.62 -4.78 -7.53
C SER A 235 13.99 -6.17 -7.65
N HIS A 236 12.97 -6.26 -8.49
CA HIS A 236 12.29 -7.52 -8.76
C HIS A 236 12.62 -7.85 -10.20
N SER A 237 13.00 -9.08 -10.48
CA SER A 237 13.30 -9.42 -11.86
C SER A 237 12.45 -10.58 -12.32
N VAL A 238 11.92 -10.45 -13.53
CA VAL A 238 11.07 -11.47 -14.10
C VAL A 238 11.69 -11.96 -15.40
N PHE A 239 12.33 -13.12 -15.37
CA PHE A 239 12.95 -13.68 -16.55
C PHE A 239 11.94 -14.66 -17.16
N SER A 240 11.47 -14.33 -18.35
CA SER A 240 10.50 -15.16 -19.01
C SER A 240 11.08 -15.92 -20.20
N VAL A 241 10.59 -17.14 -20.37
CA VAL A 241 10.99 -17.99 -21.47
C VAL A 241 9.69 -18.54 -22.03
N THR A 242 9.42 -18.22 -23.29
CA THR A 242 8.21 -18.68 -23.99
C THR A 242 8.59 -19.68 -25.07
N ILE A 243 8.01 -20.86 -25.01
CA ILE A 243 8.32 -21.90 -25.98
C ILE A 243 7.15 -22.12 -26.96
N HIS A 244 7.39 -21.84 -28.24
CA HIS A 244 6.38 -22.05 -29.26
C HIS A 244 6.73 -23.41 -29.86
N MET A 245 5.83 -24.37 -29.74
CA MET A 245 6.10 -25.71 -30.23
C MET A 245 5.15 -26.31 -31.24
N LYS A 246 5.69 -27.26 -32.00
CA LYS A 246 4.99 -28.00 -33.02
C LYS A 246 5.64 -29.36 -32.98
N GLU A 247 5.10 -30.23 -32.14
CA GLU A 247 5.62 -31.58 -31.97
C GLU A 247 5.10 -32.54 -33.03
N THR A 248 5.97 -32.95 -33.94
CA THR A 248 5.60 -33.89 -34.99
C THR A 248 6.05 -35.27 -34.51
N THR A 249 5.18 -35.97 -33.80
CA THR A 249 5.47 -37.29 -33.26
C THR A 249 5.84 -38.30 -34.34
N ILE A 250 6.09 -39.54 -33.94
CA ILE A 250 6.43 -40.61 -34.88
C ILE A 250 5.28 -40.94 -35.83
N ASP A 251 4.13 -40.28 -35.61
CA ASP A 251 2.94 -40.48 -36.43
C ASP A 251 2.87 -39.42 -37.53
N GLY A 252 2.36 -38.25 -37.19
CA GLY A 252 2.24 -37.18 -38.17
C GLY A 252 1.35 -36.03 -37.73
N GLU A 253 0.93 -36.06 -36.47
CA GLU A 253 0.07 -35.02 -35.92
C GLU A 253 0.92 -33.91 -35.31
N GLU A 254 0.84 -32.73 -35.90
CA GLU A 254 1.59 -31.56 -35.46
C GLU A 254 0.76 -30.71 -34.50
N LEU A 255 0.87 -30.98 -33.20
CA LEU A 255 0.10 -30.24 -32.20
C LEU A 255 0.66 -28.85 -31.91
N VAL A 256 -0.24 -27.89 -31.73
CA VAL A 256 0.12 -26.50 -31.45
C VAL A 256 0.24 -26.26 -29.94
N LYS A 257 1.46 -25.97 -29.48
CA LYS A 257 1.65 -25.73 -28.05
C LYS A 257 2.45 -24.47 -27.71
N ILE A 258 1.94 -23.72 -26.73
CA ILE A 258 2.59 -22.51 -26.28
C ILE A 258 2.78 -22.58 -24.77
N GLY A 259 4.02 -22.53 -24.32
CA GLY A 259 4.29 -22.60 -22.90
C GLY A 259 5.18 -21.48 -22.41
N LYS A 260 4.82 -20.89 -21.27
CA LYS A 260 5.58 -19.78 -20.71
C LYS A 260 5.99 -20.04 -19.25
N LEU A 261 7.28 -19.91 -18.98
CA LEU A 261 7.80 -20.10 -17.64
C LEU A 261 8.38 -18.74 -17.16
N ASN A 262 7.94 -18.30 -15.99
CA ASN A 262 8.41 -17.03 -15.43
C ASN A 262 9.30 -17.32 -14.22
N LEU A 263 10.54 -16.85 -14.25
CA LEU A 263 11.47 -17.06 -13.13
C LEU A 263 11.65 -15.70 -12.47
N VAL A 264 11.12 -15.58 -11.26
CA VAL A 264 11.11 -14.32 -10.54
C VAL A 264 12.04 -14.23 -9.33
N ASP A 265 13.02 -13.35 -9.41
CA ASP A 265 13.95 -13.15 -8.30
C ASP A 265 13.45 -11.89 -7.56
N LEU A 266 12.72 -12.10 -6.46
CA LEU A 266 12.14 -10.98 -5.73
C LEU A 266 13.12 -10.11 -4.95
N ALA A 267 12.68 -8.89 -4.68
CA ALA A 267 13.49 -7.97 -3.88
C ALA A 267 13.68 -8.62 -2.52
N GLY A 268 14.71 -8.19 -1.80
CA GLY A 268 14.96 -8.73 -0.49
C GLY A 268 13.79 -8.41 0.42
N SER A 269 13.28 -9.45 1.06
CA SER A 269 12.15 -9.34 1.97
C SER A 269 12.46 -8.63 3.28
N GLU A 270 13.72 -8.37 3.57
CA GLU A 270 14.06 -7.73 4.84
C GLU A 270 13.45 -6.34 5.03
N ASN A 271 13.07 -6.04 6.27
CA ASN A 271 12.46 -4.76 6.62
C ASN A 271 12.85 -4.33 8.04
N ASN A 287 13.66 2.33 1.13
CA ASN A 287 12.61 2.44 2.14
C ASN A 287 11.38 1.55 1.86
N ILE A 288 10.43 2.05 1.07
CA ILE A 288 9.22 1.28 0.79
C ILE A 288 9.22 0.66 -0.60
N ASN A 289 8.92 -0.64 -0.65
CA ASN A 289 8.84 -1.37 -1.90
C ASN A 289 7.37 -1.68 -2.16
N GLN A 290 6.74 -0.88 -3.01
CA GLN A 290 5.34 -1.05 -3.32
C GLN A 290 4.99 -2.45 -3.87
N SER A 291 5.81 -3.01 -4.75
CA SER A 291 5.51 -4.35 -5.29
C SER A 291 5.58 -5.45 -4.23
N LEU A 292 6.60 -5.40 -3.39
CA LEU A 292 6.77 -6.38 -2.32
C LEU A 292 5.61 -6.23 -1.33
N LEU A 293 5.33 -5.01 -0.94
CA LEU A 293 4.26 -4.71 0.00
C LEU A 293 2.92 -5.25 -0.56
N THR A 294 2.69 -5.04 -1.85
CA THR A 294 1.45 -5.47 -2.48
C THR A 294 1.39 -6.97 -2.67
N LEU A 295 2.53 -7.60 -2.94
CA LEU A 295 2.56 -9.05 -3.10
C LEU A 295 2.08 -9.68 -1.79
N GLY A 296 2.55 -9.14 -0.66
CA GLY A 296 2.13 -9.66 0.64
C GLY A 296 0.64 -9.49 0.85
N ARG A 297 0.10 -8.32 0.51
CA ARG A 297 -1.33 -8.06 0.69
C ARG A 297 -2.15 -8.99 -0.20
N VAL A 298 -1.65 -9.25 -1.41
CA VAL A 298 -2.34 -10.12 -2.35
C VAL A 298 -2.43 -11.56 -1.82
N ILE A 299 -1.35 -12.05 -1.22
CA ILE A 299 -1.36 -13.40 -0.69
C ILE A 299 -2.35 -13.43 0.47
N THR A 300 -2.33 -12.41 1.32
CA THR A 300 -3.25 -12.35 2.45
C THR A 300 -4.70 -12.44 2.00
N ALA A 301 -5.06 -11.66 0.99
CA ALA A 301 -6.42 -11.67 0.49
C ALA A 301 -6.80 -13.03 -0.11
N LEU A 302 -5.89 -13.64 -0.86
CA LEU A 302 -6.18 -14.94 -1.48
C LEU A 302 -6.36 -16.05 -0.44
N VAL A 303 -5.50 -16.08 0.57
CA VAL A 303 -5.60 -17.10 1.62
C VAL A 303 -6.75 -16.84 2.60
N GLU A 304 -7.17 -15.59 2.75
CA GLU A 304 -8.29 -15.28 3.63
C GLU A 304 -9.57 -15.17 2.81
N ARG A 305 -9.54 -15.68 1.58
CA ARG A 305 -10.69 -15.66 0.67
C ARG A 305 -11.46 -14.34 0.57
N THR A 306 -10.78 -13.23 0.85
CA THR A 306 -11.38 -11.91 0.76
C THR A 306 -11.76 -11.67 -0.70
N PRO A 307 -12.94 -11.09 -0.95
CA PRO A 307 -13.39 -10.83 -2.32
C PRO A 307 -12.46 -9.96 -3.16
N HIS A 308 -12.02 -8.83 -2.61
CA HIS A 308 -11.14 -7.95 -3.35
C HIS A 308 -9.64 -8.22 -3.14
N VAL A 309 -8.97 -8.61 -4.22
CA VAL A 309 -7.54 -8.89 -4.18
C VAL A 309 -6.89 -7.67 -4.83
N PRO A 310 -6.01 -6.98 -4.09
CA PRO A 310 -5.35 -5.79 -4.62
C PRO A 310 -4.28 -5.90 -5.70
N TYR A 311 -4.49 -6.76 -6.71
CA TYR A 311 -3.53 -6.91 -7.81
C TYR A 311 -3.07 -5.59 -8.41
N ARG A 312 -4.00 -4.68 -8.70
CA ARG A 312 -3.68 -3.39 -9.31
C ARG A 312 -2.76 -2.47 -8.50
N GLU A 313 -2.58 -2.73 -7.21
CA GLU A 313 -1.75 -1.83 -6.42
C GLU A 313 -0.23 -1.82 -6.65
N SER A 314 0.26 -2.64 -7.56
CA SER A 314 1.69 -2.65 -7.85
C SER A 314 1.98 -3.19 -9.24
N LYS A 315 3.13 -2.86 -9.79
CA LYS A 315 3.48 -3.34 -11.12
C LYS A 315 3.70 -4.86 -11.14
N LEU A 316 4.30 -5.38 -10.07
CA LEU A 316 4.59 -6.81 -9.96
C LEU A 316 3.32 -7.64 -9.94
N THR A 317 2.40 -7.34 -9.02
CA THR A 317 1.16 -8.10 -8.93
C THR A 317 0.25 -7.97 -10.13
N ARG A 318 0.41 -6.91 -10.92
CA ARG A 318 -0.42 -6.77 -12.11
C ARG A 318 0.24 -7.61 -13.19
N ILE A 319 1.55 -7.46 -13.31
CA ILE A 319 2.29 -8.24 -14.29
C ILE A 319 2.09 -9.74 -14.10
N LEU A 320 2.20 -10.20 -12.85
CA LEU A 320 2.06 -11.61 -12.49
C LEU A 320 0.71 -12.00 -11.91
N GLN A 321 -0.32 -11.22 -12.17
CA GLN A 321 -1.65 -11.49 -11.65
C GLN A 321 -2.09 -12.95 -11.87
N ASP A 322 -1.85 -13.50 -13.05
CA ASP A 322 -2.23 -14.88 -13.34
C ASP A 322 -1.43 -15.93 -12.56
N SER A 323 -0.39 -15.50 -11.86
CA SER A 323 0.42 -16.40 -11.06
C SER A 323 -0.05 -16.40 -9.60
N LEU A 324 -0.99 -15.50 -9.27
CA LEU A 324 -1.52 -15.43 -7.91
C LEU A 324 -3.05 -15.59 -7.94
N GLY A 325 -3.49 -16.83 -7.80
CA GLY A 325 -4.92 -17.10 -7.83
C GLY A 325 -5.49 -17.21 -9.24
N GLY A 326 -4.62 -17.43 -10.23
CA GLY A 326 -5.06 -17.55 -11.61
C GLY A 326 -4.92 -18.96 -12.15
N ARG A 327 -4.72 -19.11 -13.45
CA ARG A 327 -4.60 -20.44 -14.04
C ARG A 327 -3.17 -20.94 -14.25
N THR A 328 -2.20 -20.24 -13.66
CA THR A 328 -0.81 -20.62 -13.80
C THR A 328 -0.36 -21.49 -12.62
N ARG A 329 0.52 -22.45 -12.87
CA ARG A 329 1.05 -23.29 -11.79
C ARG A 329 2.21 -22.52 -11.17
N THR A 330 2.10 -22.18 -9.90
CA THR A 330 3.14 -21.41 -9.26
C THR A 330 3.76 -22.07 -8.05
N SER A 331 5.07 -21.86 -7.88
CA SER A 331 5.83 -22.40 -6.76
C SER A 331 6.70 -21.32 -6.16
N ILE A 332 6.82 -21.33 -4.85
CA ILE A 332 7.65 -20.34 -4.20
C ILE A 332 8.78 -21.05 -3.47
N ILE A 333 10.01 -20.67 -3.79
CA ILE A 333 11.18 -21.22 -3.11
C ILE A 333 11.62 -20.13 -2.12
N ALA A 334 11.35 -20.34 -0.84
CA ALA A 334 11.72 -19.38 0.19
C ALA A 334 13.14 -19.71 0.68
N THR A 335 14.03 -18.73 0.60
CA THR A 335 15.42 -18.91 1.02
C THR A 335 15.68 -18.39 2.43
N ILE A 336 16.46 -19.13 3.21
CA ILE A 336 16.75 -18.72 4.59
C ILE A 336 18.19 -18.91 5.01
N SER A 337 18.57 -18.23 6.09
CA SER A 337 19.93 -18.34 6.61
C SER A 337 19.95 -19.18 7.87
N PRO A 338 21.06 -19.89 8.12
CA PRO A 338 21.17 -20.73 9.30
C PRO A 338 21.83 -19.98 10.46
N ALA A 339 22.23 -18.73 10.23
CA ALA A 339 22.92 -17.96 11.27
C ALA A 339 21.93 -17.36 12.25
N SER A 340 22.30 -17.39 13.53
CA SER A 340 21.44 -16.86 14.57
C SER A 340 21.20 -15.35 14.47
N LEU A 341 22.13 -14.62 13.86
CA LEU A 341 21.92 -13.18 13.75
C LEU A 341 20.81 -12.82 12.75
N ASN A 342 20.30 -13.83 12.03
CA ASN A 342 19.23 -13.63 11.07
C ASN A 342 17.93 -14.26 11.53
N LEU A 343 17.85 -14.56 12.82
CA LEU A 343 16.67 -15.18 13.40
C LEU A 343 15.35 -14.50 13.06
N GLU A 344 15.20 -13.24 13.46
CA GLU A 344 13.96 -12.51 13.20
C GLU A 344 13.55 -12.62 11.72
N GLU A 345 14.46 -12.34 10.80
CA GLU A 345 14.16 -12.43 9.38
C GLU A 345 13.81 -13.83 8.92
N THR A 346 14.52 -14.82 9.45
CA THR A 346 14.29 -16.21 9.09
C THR A 346 12.87 -16.66 9.43
N LEU A 347 12.37 -16.26 10.61
CA LEU A 347 11.01 -16.59 11.04
C LEU A 347 9.98 -15.84 10.18
N SER A 348 10.20 -14.55 9.98
CA SER A 348 9.28 -13.76 9.16
C SER A 348 9.13 -14.43 7.80
N THR A 349 10.25 -14.76 7.16
CA THR A 349 10.24 -15.45 5.88
C THR A 349 9.48 -16.78 5.91
N LEU A 350 9.77 -17.60 6.92
CA LEU A 350 9.07 -18.88 7.03
C LEU A 350 7.59 -18.69 7.26
N GLU A 351 7.23 -17.79 8.17
CA GLU A 351 5.83 -17.49 8.48
C GLU A 351 5.10 -17.11 7.19
N TYR A 352 5.73 -16.22 6.42
CA TYR A 352 5.21 -15.73 5.15
C TYR A 352 5.04 -16.89 4.17
N ALA A 353 6.12 -17.64 3.94
CA ALA A 353 6.06 -18.77 3.02
C ALA A 353 5.06 -19.83 3.48
N HIS A 354 4.87 -19.96 4.79
CA HIS A 354 3.93 -20.93 5.30
C HIS A 354 2.49 -20.53 5.00
N ARG A 355 2.18 -19.26 5.19
CA ARG A 355 0.84 -18.77 4.89
C ARG A 355 0.51 -18.96 3.41
N ALA A 356 1.52 -18.80 2.55
CA ALA A 356 1.34 -18.94 1.09
C ALA A 356 0.81 -20.30 0.62
N LYS A 357 0.99 -21.34 1.42
CA LYS A 357 0.52 -22.67 1.05
C LYS A 357 -0.99 -22.76 0.76
N ASN A 358 -1.79 -21.91 1.42
CA ASN A 358 -3.23 -21.89 1.24
C ASN A 358 -3.77 -21.20 0.00
N ILE A 359 -2.91 -20.81 -0.92
CA ILE A 359 -3.38 -20.13 -2.13
C ILE A 359 -3.77 -21.19 -3.15
N LEU A 360 -5.01 -21.11 -3.64
CA LEU A 360 -5.52 -22.07 -4.60
C LEU A 360 -5.64 -21.43 -5.98
N ASN A 361 -4.95 -21.98 -6.97
CA ASN A 361 -5.02 -21.41 -8.30
C ASN A 361 -4.65 -22.34 -9.45
N LYS A 362 -5.59 -22.55 -10.36
CA LYS A 362 -5.38 -23.37 -11.55
C LYS A 362 -6.67 -23.46 -12.37
N ASN B 18 -9.28 6.33 23.23
CA ASN B 18 -8.73 7.69 23.50
C ASN B 18 -9.12 8.72 22.42
N ILE B 19 -9.10 8.31 21.15
CA ILE B 19 -9.49 9.19 20.05
C ILE B 19 -11.01 9.29 20.01
N GLN B 20 -11.53 10.52 19.89
CA GLN B 20 -12.97 10.76 19.84
C GLN B 20 -13.55 10.40 18.48
N VAL B 21 -14.62 9.61 18.48
CA VAL B 21 -15.26 9.22 17.23
C VAL B 21 -16.75 9.43 17.28
N VAL B 22 -17.26 10.32 16.44
CA VAL B 22 -18.68 10.61 16.39
C VAL B 22 -19.23 10.20 15.03
N VAL B 23 -20.54 10.03 14.97
CA VAL B 23 -21.21 9.63 13.74
C VAL B 23 -22.30 10.65 13.45
N ARG B 24 -22.46 11.03 12.19
CA ARG B 24 -23.48 11.99 11.82
C ARG B 24 -24.22 11.48 10.60
N CYS B 25 -25.53 11.39 10.71
CA CYS B 25 -26.35 10.89 9.61
C CYS B 25 -26.99 12.06 8.90
N ARG B 26 -26.98 12.03 7.57
CA ARG B 26 -27.61 13.12 6.84
C ARG B 26 -29.09 12.79 6.70
N PRO B 27 -29.90 13.81 6.37
CA PRO B 27 -31.33 13.59 6.21
C PRO B 27 -31.59 13.21 4.76
N PHE B 28 -32.83 12.85 4.45
CA PHE B 28 -33.19 12.49 3.08
C PHE B 28 -33.30 13.74 2.22
N ASN B 29 -32.77 13.69 0.99
CA ASN B 29 -32.86 14.86 0.12
C ASN B 29 -34.29 15.04 -0.44
N LEU B 30 -34.43 15.91 -1.43
CA LEU B 30 -35.74 16.18 -2.05
C LEU B 30 -36.24 14.97 -2.83
N ALA B 31 -35.34 14.32 -3.57
CA ALA B 31 -35.67 13.13 -4.36
C ALA B 31 -36.15 11.94 -3.52
N GLU B 32 -35.52 11.75 -2.36
CA GLU B 32 -35.88 10.66 -1.45
C GLU B 32 -37.16 10.96 -0.67
N ARG B 33 -37.38 12.23 -0.39
CA ARG B 33 -38.58 12.66 0.34
C ARG B 33 -39.79 12.40 -0.55
N LYS B 34 -39.69 12.81 -1.82
CA LYS B 34 -40.77 12.61 -2.78
C LYS B 34 -40.95 11.11 -3.01
N ALA B 35 -39.84 10.39 -3.11
CA ALA B 35 -39.87 8.94 -3.30
C ALA B 35 -40.30 8.27 -2.00
N SER B 36 -40.54 9.09 -0.97
CA SER B 36 -40.96 8.62 0.35
C SER B 36 -40.10 7.43 0.78
N ALA B 37 -38.85 7.71 1.15
CA ALA B 37 -37.94 6.66 1.55
C ALA B 37 -37.99 6.31 3.03
N HIS B 38 -37.71 5.03 3.31
CA HIS B 38 -37.70 4.46 4.65
C HIS B 38 -36.27 4.48 5.21
N SER B 39 -36.08 5.12 6.35
CA SER B 39 -34.76 5.22 6.96
C SER B 39 -34.29 3.92 7.60
N ILE B 40 -33.14 3.41 7.13
CA ILE B 40 -32.59 2.18 7.69
C ILE B 40 -31.69 2.51 8.88
N VAL B 41 -31.56 3.80 9.19
CA VAL B 41 -30.72 4.22 10.29
C VAL B 41 -31.52 4.87 11.42
N GLU B 42 -31.13 4.55 12.65
CA GLU B 42 -31.74 5.09 13.85
C GLU B 42 -30.59 5.54 14.72
N CYS B 43 -30.60 6.80 15.12
CA CYS B 43 -29.53 7.34 15.97
C CYS B 43 -30.07 7.59 17.37
N ASP B 44 -29.36 7.09 18.37
CA ASP B 44 -29.75 7.24 19.76
C ASP B 44 -28.76 8.12 20.51
N PRO B 45 -28.98 9.44 20.53
CA PRO B 45 -28.08 10.38 21.21
C PRO B 45 -27.79 10.07 22.68
N VAL B 46 -28.83 9.83 23.48
CA VAL B 46 -28.62 9.55 24.89
C VAL B 46 -27.85 8.23 25.10
N ARG B 47 -28.20 7.21 24.34
CA ARG B 47 -27.48 5.93 24.46
C ARG B 47 -26.20 5.98 23.63
N LYS B 48 -26.01 7.08 22.90
CA LYS B 48 -24.84 7.30 22.07
C LYS B 48 -24.55 6.15 21.11
N GLU B 49 -25.58 5.66 20.43
CA GLU B 49 -25.39 4.57 19.48
C GLU B 49 -26.17 4.81 18.21
N VAL B 50 -25.85 4.03 17.20
CA VAL B 50 -26.52 4.13 15.92
C VAL B 50 -26.79 2.70 15.44
N SER B 51 -28.04 2.40 15.09
CA SER B 51 -28.37 1.07 14.62
C SER B 51 -28.87 1.13 13.19
N VAL B 52 -28.47 0.16 12.39
CA VAL B 52 -28.87 0.13 10.99
C VAL B 52 -29.50 -1.20 10.59
N ARG B 53 -30.59 -1.13 9.84
CA ARG B 53 -31.29 -2.32 9.39
C ARG B 53 -30.56 -3.01 8.24
N THR B 54 -30.00 -4.18 8.53
CA THR B 54 -29.26 -4.96 7.53
C THR B 54 -30.19 -5.73 6.59
N GLY B 55 -31.29 -6.26 7.12
CA GLY B 55 -32.21 -7.00 6.29
C GLY B 55 -33.59 -7.04 6.89
N GLY B 56 -34.45 -7.93 6.37
CA GLY B 56 -35.79 -8.03 6.89
C GLY B 56 -36.60 -6.76 6.67
N LEU B 57 -37.84 -6.75 7.17
CA LEU B 57 -38.72 -5.60 7.02
C LEU B 57 -38.85 -4.88 8.37
N ALA B 58 -39.71 -3.86 8.42
CA ALA B 58 -39.93 -3.10 9.65
C ALA B 58 -40.77 -3.89 10.66
N ASP B 59 -41.33 -5.01 10.20
CA ASP B 59 -42.16 -5.89 11.02
C ASP B 59 -41.31 -6.98 11.70
N LYS B 60 -40.15 -7.26 11.11
CA LYS B 60 -39.20 -8.25 11.61
C LYS B 60 -37.91 -8.01 10.85
N SER B 61 -36.82 -7.73 11.57
CA SER B 61 -35.57 -7.46 10.90
C SER B 61 -34.31 -7.76 11.70
N SER B 62 -33.18 -7.65 11.01
CA SER B 62 -31.88 -7.86 11.60
C SER B 62 -31.31 -6.44 11.62
N ARG B 63 -30.36 -6.18 12.51
CA ARG B 63 -29.78 -4.85 12.60
C ARG B 63 -28.39 -4.96 13.18
N LYS B 64 -27.64 -3.87 13.10
CA LYS B 64 -26.31 -3.81 13.66
C LYS B 64 -26.21 -2.50 14.43
N THR B 65 -25.82 -2.60 15.69
CA THR B 65 -25.71 -1.41 16.52
C THR B 65 -24.29 -1.17 16.95
N TYR B 66 -23.87 0.08 16.94
CA TYR B 66 -22.52 0.46 17.33
C TYR B 66 -22.59 1.64 18.29
N THR B 67 -21.67 1.69 19.25
CA THR B 67 -21.64 2.78 20.22
C THR B 67 -20.48 3.71 19.91
N PHE B 68 -20.71 5.01 20.00
CA PHE B 68 -19.66 5.98 19.74
C PHE B 68 -19.66 7.03 20.84
N ASP B 69 -18.62 7.85 20.92
CA ASP B 69 -18.57 8.88 21.94
C ASP B 69 -19.74 9.85 21.82
N MET B 70 -20.19 10.10 20.59
CA MET B 70 -21.31 11.00 20.33
C MET B 70 -21.96 10.59 19.02
N VAL B 71 -23.26 10.77 18.92
CA VAL B 71 -23.97 10.43 17.69
C VAL B 71 -24.94 11.55 17.36
N PHE B 72 -24.97 11.93 16.09
CA PHE B 72 -25.82 13.00 15.61
C PHE B 72 -26.74 12.53 14.50
N GLY B 73 -28.04 12.42 14.81
CA GLY B 73 -28.97 11.98 13.80
C GLY B 73 -29.17 13.04 12.75
N ALA B 74 -30.00 12.75 11.75
CA ALA B 74 -30.30 13.70 10.67
C ALA B 74 -30.98 14.96 11.22
N SER B 75 -31.43 14.86 12.47
CA SER B 75 -32.09 15.94 13.19
C SER B 75 -31.10 16.81 13.96
N THR B 76 -29.90 17.00 13.41
CA THR B 76 -28.88 17.80 14.07
C THR B 76 -28.49 18.99 13.18
N LYS B 77 -28.34 20.16 13.79
CA LYS B 77 -27.96 21.38 13.07
C LYS B 77 -26.47 21.61 13.17
N GLN B 78 -25.94 22.46 12.29
CA GLN B 78 -24.52 22.78 12.28
C GLN B 78 -24.08 23.31 13.64
N ILE B 79 -24.82 24.30 14.15
CA ILE B 79 -24.52 24.90 15.45
C ILE B 79 -24.40 23.85 16.56
N ASP B 80 -25.15 22.74 16.46
CA ASP B 80 -25.07 21.69 17.48
C ASP B 80 -23.80 20.89 17.31
N VAL B 81 -23.38 20.70 16.06
CA VAL B 81 -22.16 19.97 15.76
C VAL B 81 -20.97 20.77 16.28
N TYR B 82 -20.96 22.08 16.00
CA TYR B 82 -19.88 22.94 16.44
C TYR B 82 -19.81 23.02 17.96
N ARG B 83 -20.97 23.23 18.60
CA ARG B 83 -21.03 23.32 20.06
C ARG B 83 -20.56 22.02 20.74
N SER B 84 -21.02 20.87 20.26
CA SER B 84 -20.65 19.59 20.84
C SER B 84 -19.23 19.13 20.57
N VAL B 85 -18.82 19.15 19.31
CA VAL B 85 -17.51 18.66 18.94
C VAL B 85 -16.37 19.68 18.87
N VAL B 86 -16.59 20.76 18.14
CA VAL B 86 -15.54 21.75 17.95
C VAL B 86 -15.23 22.70 19.10
N CYS B 87 -16.26 23.21 19.77
CA CYS B 87 -16.08 24.14 20.88
C CYS B 87 -14.97 23.75 21.87
N PRO B 88 -15.03 22.52 22.39
CA PRO B 88 -13.96 22.16 23.33
C PRO B 88 -12.59 22.01 22.65
N ILE B 89 -12.57 21.43 21.46
CA ILE B 89 -11.32 21.24 20.73
C ILE B 89 -10.63 22.58 20.47
N LEU B 90 -11.41 23.59 20.12
CA LEU B 90 -10.85 24.91 19.89
C LEU B 90 -10.22 25.45 21.18
N ASP B 91 -10.90 25.29 22.31
CA ASP B 91 -10.37 25.74 23.60
C ASP B 91 -9.06 25.04 23.88
N GLU B 92 -8.95 23.78 23.48
CA GLU B 92 -7.71 23.06 23.70
C GLU B 92 -6.59 23.60 22.82
N VAL B 93 -6.92 24.09 21.62
CA VAL B 93 -5.91 24.67 20.73
C VAL B 93 -5.45 26.01 21.31
N ILE B 94 -6.40 26.79 21.81
CA ILE B 94 -6.08 28.08 22.38
C ILE B 94 -5.17 27.94 23.61
N MET B 95 -5.15 26.78 24.26
CA MET B 95 -4.28 26.54 25.41
C MET B 95 -2.90 26.05 24.97
N GLY B 96 -2.69 25.96 23.65
CA GLY B 96 -1.42 25.54 23.12
C GLY B 96 -1.26 24.12 22.58
N TYR B 97 -2.35 23.36 22.44
CA TYR B 97 -2.23 22.00 21.93
C TYR B 97 -2.63 21.88 20.47
N ASN B 98 -2.10 20.87 19.76
CA ASN B 98 -2.45 20.67 18.36
C ASN B 98 -3.66 19.77 18.28
N CYS B 99 -4.57 20.03 17.35
CA CYS B 99 -5.75 19.19 17.21
C CYS B 99 -6.10 18.91 15.76
N THR B 100 -6.84 17.83 15.57
CA THR B 100 -7.24 17.42 14.25
C THR B 100 -8.63 16.80 14.27
N ILE B 101 -9.45 17.22 13.31
CA ILE B 101 -10.77 16.67 13.16
C ILE B 101 -10.85 16.13 11.71
N PHE B 102 -11.10 14.83 11.58
CA PHE B 102 -11.26 14.20 10.26
C PHE B 102 -12.75 14.04 9.92
N ALA B 103 -13.09 14.06 8.64
CA ALA B 103 -14.46 13.79 8.26
C ALA B 103 -14.32 12.54 7.37
N TYR B 104 -14.90 11.42 7.80
CA TYR B 104 -14.82 10.15 7.06
C TYR B 104 -16.16 9.62 6.60
N GLY B 105 -16.22 9.16 5.35
CA GLY B 105 -17.48 8.65 4.85
C GLY B 105 -17.57 8.62 3.34
N GLN B 106 -18.58 7.95 2.80
CA GLN B 106 -18.70 7.90 1.36
C GLN B 106 -19.21 9.21 0.78
N THR B 107 -18.94 9.39 -0.50
CA THR B 107 -19.37 10.58 -1.19
C THR B 107 -20.89 10.74 -1.04
N GLY B 108 -21.32 11.95 -0.71
CA GLY B 108 -22.74 12.20 -0.57
C GLY B 108 -23.29 12.11 0.82
N THR B 109 -22.46 11.86 1.83
CA THR B 109 -23.02 11.76 3.17
C THR B 109 -22.81 12.95 4.10
N GLY B 110 -22.13 14.01 3.62
CA GLY B 110 -21.93 15.19 4.45
C GLY B 110 -20.54 15.54 4.96
N LYS B 111 -19.48 14.98 4.39
CA LYS B 111 -18.13 15.31 4.84
C LYS B 111 -17.93 16.83 4.68
N THR B 112 -18.20 17.32 3.49
CA THR B 112 -18.03 18.74 3.19
C THR B 112 -19.11 19.63 3.83
N PHE B 113 -20.31 19.12 4.01
CA PHE B 113 -21.36 19.90 4.64
C PHE B 113 -20.94 20.18 6.06
N THR B 114 -20.46 19.14 6.72
CA THR B 114 -20.02 19.23 8.09
C THR B 114 -18.79 20.11 8.29
N MET B 115 -17.74 19.83 7.53
CA MET B 115 -16.49 20.56 7.61
C MET B 115 -16.52 21.97 7.10
N GLU B 116 -17.27 22.20 6.02
CA GLU B 116 -17.35 23.53 5.42
C GLU B 116 -18.72 24.19 5.54
N GLY B 117 -19.75 23.45 5.18
CA GLY B 117 -21.11 23.96 5.24
C GLY B 117 -21.56 24.57 3.93
N GLU B 118 -22.74 25.19 3.95
CA GLU B 118 -23.27 25.82 2.75
C GLU B 118 -23.88 27.17 3.09
N ARG B 119 -24.44 27.83 2.08
CA ARG B 119 -25.08 29.11 2.30
C ARG B 119 -26.58 28.85 2.22
N SER B 120 -27.35 29.56 3.04
CA SER B 120 -28.80 29.43 3.01
C SER B 120 -29.20 30.26 1.82
N PRO B 121 -30.18 29.77 1.04
CA PRO B 121 -30.70 30.42 -0.17
C PRO B 121 -31.14 31.89 -0.05
N ASN B 122 -31.16 32.56 -1.20
CA ASN B 122 -31.58 33.96 -1.30
C ASN B 122 -30.82 34.96 -0.46
N GLU B 123 -29.57 34.67 -0.13
CA GLU B 123 -28.77 35.59 0.68
C GLU B 123 -29.54 36.04 1.93
N GLU B 124 -30.18 35.09 2.60
CA GLU B 124 -30.95 35.37 3.79
C GLU B 124 -30.08 35.81 4.95
N TYR B 125 -28.81 35.39 4.97
CA TYR B 125 -27.90 35.77 6.05
C TYR B 125 -26.51 36.14 5.55
N THR B 126 -25.71 36.71 6.45
CA THR B 126 -24.31 37.04 6.14
C THR B 126 -23.55 35.77 6.51
N TRP B 127 -22.37 35.56 5.93
CA TRP B 127 -21.61 34.34 6.21
C TRP B 127 -21.47 33.99 7.68
N GLU B 128 -21.16 34.98 8.51
CA GLU B 128 -20.97 34.75 9.94
C GLU B 128 -22.22 34.40 10.72
N GLU B 129 -23.39 34.42 10.08
CA GLU B 129 -24.63 34.07 10.76
C GLU B 129 -25.41 32.94 10.11
N ASP B 130 -24.96 32.47 8.96
CA ASP B 130 -25.68 31.42 8.27
C ASP B 130 -25.73 30.12 9.05
N PRO B 131 -26.95 29.63 9.32
CA PRO B 131 -27.22 28.40 10.06
C PRO B 131 -26.56 27.19 9.37
N LEU B 132 -26.33 27.28 8.07
CA LEU B 132 -25.72 26.18 7.33
C LEU B 132 -24.19 26.19 7.33
N ALA B 133 -23.57 27.24 7.86
CA ALA B 133 -22.10 27.30 7.90
C ALA B 133 -21.57 26.07 8.64
N GLY B 134 -20.43 25.58 8.20
CA GLY B 134 -19.83 24.42 8.82
C GLY B 134 -18.71 24.75 9.79
N ILE B 135 -17.99 23.72 10.20
CA ILE B 135 -16.91 23.88 11.15
C ILE B 135 -15.85 24.92 10.84
N ILE B 136 -15.36 24.94 9.60
CA ILE B 136 -14.31 25.90 9.22
C ILE B 136 -14.72 27.37 9.35
N PRO B 137 -15.81 27.81 8.69
CA PRO B 137 -16.11 29.22 8.91
C PRO B 137 -16.41 29.58 10.36
N ARG B 138 -17.11 28.69 11.07
CA ARG B 138 -17.41 28.96 12.48
C ARG B 138 -16.16 29.05 13.34
N THR B 139 -15.21 28.14 13.15
CA THR B 139 -13.97 28.13 13.93
C THR B 139 -13.16 29.41 13.75
N LEU B 140 -12.99 29.84 12.50
CA LEU B 140 -12.23 31.07 12.24
C LEU B 140 -12.91 32.28 12.88
N HIS B 141 -14.22 32.35 12.74
CA HIS B 141 -14.99 33.45 13.32
C HIS B 141 -14.93 33.42 14.86
N GLN B 142 -14.87 32.23 15.45
CA GLN B 142 -14.81 32.12 16.90
C GLN B 142 -13.45 32.48 17.48
N ILE B 143 -12.39 32.14 16.76
CA ILE B 143 -11.05 32.45 17.23
C ILE B 143 -10.91 33.94 17.57
N PHE B 144 -11.42 34.80 16.70
CA PHE B 144 -11.38 36.25 16.91
C PHE B 144 -12.34 36.72 18.01
N GLU B 145 -13.40 35.96 18.24
CA GLU B 145 -14.37 36.30 19.29
C GLU B 145 -13.81 35.93 20.67
N LYS B 146 -13.30 34.71 20.80
CA LYS B 146 -12.74 34.24 22.06
C LYS B 146 -11.52 35.02 22.53
N LEU B 147 -10.65 35.40 21.60
CA LEU B 147 -9.45 36.14 21.97
C LEU B 147 -9.58 37.65 21.70
N THR B 148 -10.82 38.13 21.60
CA THR B 148 -11.07 39.54 21.31
C THR B 148 -10.46 40.57 22.29
N ASP B 149 -10.41 40.25 23.58
CA ASP B 149 -9.82 41.14 24.57
C ASP B 149 -9.54 40.45 25.90
N ASN B 150 -9.10 39.20 25.83
CA ASN B 150 -8.79 38.44 27.05
C ASN B 150 -7.37 38.73 27.53
N GLY B 151 -6.64 39.59 26.83
CA GLY B 151 -5.30 39.92 27.24
C GLY B 151 -4.17 39.11 26.63
N THR B 152 -4.47 38.36 25.57
CA THR B 152 -3.44 37.58 24.92
C THR B 152 -3.33 37.99 23.46
N GLU B 153 -2.14 38.45 23.07
CA GLU B 153 -1.88 38.87 21.70
C GLU B 153 -1.85 37.61 20.85
N PHE B 154 -2.30 37.71 19.61
CA PHE B 154 -2.32 36.54 18.75
C PHE B 154 -2.36 36.85 17.27
N SER B 155 -1.89 35.89 16.48
CA SER B 155 -1.92 36.01 15.03
C SER B 155 -2.45 34.68 14.51
N VAL B 156 -3.32 34.75 13.51
CA VAL B 156 -3.91 33.56 12.93
C VAL B 156 -3.46 33.34 11.50
N LYS B 157 -2.86 32.17 11.23
CA LYS B 157 -2.41 31.83 9.87
C LYS B 157 -3.14 30.58 9.37
N VAL B 158 -3.69 30.64 8.16
CA VAL B 158 -4.39 29.50 7.62
C VAL B 158 -3.71 29.00 6.34
N SER B 159 -3.79 27.70 6.11
CA SER B 159 -3.23 27.11 4.91
C SER B 159 -4.16 26.00 4.43
N LEU B 160 -4.22 25.82 3.11
CA LEU B 160 -5.09 24.81 2.54
C LEU B 160 -4.29 23.89 1.64
N LEU B 161 -3.88 22.75 2.21
CA LEU B 161 -3.10 21.74 1.51
C LEU B 161 -4.03 20.60 1.10
N GLU B 162 -4.04 20.26 -0.18
CA GLU B 162 -4.90 19.17 -0.63
C GLU B 162 -4.09 18.06 -1.32
N ILE B 163 -4.65 16.86 -1.30
CA ILE B 163 -3.99 15.70 -1.87
C ILE B 163 -4.86 15.00 -2.93
N TYR B 164 -4.30 14.84 -4.13
CA TYR B 164 -4.98 14.20 -5.23
C TYR B 164 -3.97 13.35 -5.99
N ASN B 165 -4.28 12.07 -6.17
CA ASN B 165 -3.39 11.14 -6.86
C ASN B 165 -1.97 11.19 -6.30
N GLU B 166 -1.86 11.30 -4.98
CA GLU B 166 -0.60 11.39 -4.26
C GLU B 166 0.26 12.62 -4.58
N GLU B 167 -0.37 13.67 -5.10
CA GLU B 167 0.34 14.91 -5.39
C GLU B 167 -0.26 16.01 -4.50
N LEU B 168 0.55 16.98 -4.13
CA LEU B 168 0.11 18.06 -3.26
C LEU B 168 -0.24 19.33 -4.00
N PHE B 169 -1.22 20.07 -3.47
CA PHE B 169 -1.63 21.32 -4.08
C PHE B 169 -1.94 22.34 -2.99
N ASP B 170 -1.89 23.61 -3.37
CA ASP B 170 -2.20 24.74 -2.50
C ASP B 170 -3.46 25.35 -3.07
N LEU B 171 -4.56 25.32 -2.32
CA LEU B 171 -5.80 25.88 -2.83
C LEU B 171 -6.12 27.28 -2.30
N LEU B 172 -5.11 27.97 -1.78
CA LEU B 172 -5.28 29.35 -1.26
C LEU B 172 -4.22 30.31 -1.78
N ASN B 173 -3.22 29.78 -2.48
CA ASN B 173 -2.15 30.59 -3.04
C ASN B 173 -2.63 31.34 -4.28
N PRO B 174 -2.95 32.64 -4.12
CA PRO B 174 -3.42 33.44 -5.27
C PRO B 174 -2.27 33.80 -6.22
N SER B 175 -1.04 33.49 -5.81
CA SER B 175 0.12 33.79 -6.62
C SER B 175 0.63 32.56 -7.39
N SER B 176 -0.29 31.67 -7.75
CA SER B 176 0.08 30.47 -8.50
C SER B 176 -1.15 29.73 -9.00
N ASP B 177 -0.94 28.83 -9.95
CA ASP B 177 -2.03 28.05 -10.51
C ASP B 177 -2.24 26.80 -9.65
N VAL B 178 -3.45 26.24 -9.67
CA VAL B 178 -3.74 25.05 -8.88
C VAL B 178 -2.96 23.83 -9.35
N SER B 179 -2.68 23.75 -10.65
CA SER B 179 -1.95 22.63 -11.22
C SER B 179 -0.50 22.52 -10.73
N GLU B 180 -0.04 23.51 -9.96
CA GLU B 180 1.32 23.52 -9.44
C GLU B 180 1.48 22.51 -8.31
N ARG B 181 2.10 21.38 -8.61
CA ARG B 181 2.35 20.32 -7.63
C ARG B 181 3.50 20.70 -6.70
N LEU B 182 3.22 20.75 -5.40
CA LEU B 182 4.22 21.10 -4.40
C LEU B 182 5.10 19.92 -4.04
N GLN B 183 6.21 20.18 -3.36
CA GLN B 183 7.12 19.12 -2.94
C GLN B 183 7.10 18.98 -1.42
N MET B 184 7.30 17.77 -0.94
CA MET B 184 7.27 17.48 0.49
C MET B 184 8.58 16.86 0.96
N PHE B 185 9.11 17.36 2.08
CA PHE B 185 10.37 16.84 2.61
C PHE B 185 10.26 16.60 4.12
N ASP B 186 11.01 15.63 4.65
CA ASP B 186 10.99 15.37 6.08
C ASP B 186 11.65 16.54 6.80
N ASP B 187 11.01 17.02 7.86
CA ASP B 187 11.52 18.15 8.63
C ASP B 187 12.74 17.75 9.46
N PRO B 188 13.93 18.25 9.10
CA PRO B 188 15.18 17.93 9.82
C PRO B 188 15.07 18.15 11.33
N ARG B 189 14.36 19.19 11.73
CA ARG B 189 14.18 19.48 13.15
C ARG B 189 13.49 18.30 13.84
N ASN B 190 12.17 18.21 13.67
CA ASN B 190 11.38 17.12 14.28
C ASN B 190 10.95 16.07 13.27
N LYS B 191 11.43 14.84 13.45
CA LYS B 191 11.11 13.72 12.55
C LYS B 191 9.62 13.34 12.54
N ARG B 192 8.89 13.84 13.52
CA ARG B 192 7.45 13.61 13.65
C ARG B 192 6.69 14.34 12.52
N GLY B 193 7.23 15.48 12.09
CA GLY B 193 6.58 16.28 11.06
C GLY B 193 7.23 16.30 9.69
N VAL B 194 6.68 17.16 8.83
CA VAL B 194 7.16 17.29 7.47
C VAL B 194 7.14 18.74 7.01
N ILE B 195 7.98 19.07 6.03
CA ILE B 195 8.04 20.41 5.48
C ILE B 195 7.52 20.39 4.04
N ILE B 196 6.60 21.31 3.75
CA ILE B 196 6.01 21.39 2.42
C ILE B 196 6.45 22.66 1.71
N LYS B 197 7.39 22.51 0.79
CA LYS B 197 7.93 23.62 0.03
C LYS B 197 6.89 24.20 -0.92
N GLY B 198 6.69 25.52 -0.83
CA GLY B 198 5.74 26.18 -1.69
C GLY B 198 4.35 26.41 -1.10
N LEU B 199 4.06 25.78 0.03
CA LEU B 199 2.76 25.94 0.68
C LEU B 199 2.63 27.34 1.27
N GLU B 200 1.56 28.03 0.89
CA GLU B 200 1.26 29.38 1.33
C GLU B 200 0.54 29.43 2.68
N GLU B 201 0.84 30.45 3.47
CA GLU B 201 0.20 30.64 4.76
C GLU B 201 -0.33 32.06 4.79
N ILE B 202 -1.65 32.19 4.67
CA ILE B 202 -2.29 33.51 4.67
C ILE B 202 -2.62 33.93 6.10
N THR B 203 -2.27 35.17 6.43
CA THR B 203 -2.54 35.72 7.75
C THR B 203 -3.93 36.30 7.76
N VAL B 204 -4.76 35.87 8.71
CA VAL B 204 -6.11 36.41 8.85
C VAL B 204 -5.98 37.42 9.96
N HIS B 205 -6.00 38.69 9.58
CA HIS B 205 -5.84 39.82 10.49
C HIS B 205 -7.08 40.10 11.35
N ASN B 206 -8.25 39.83 10.81
CA ASN B 206 -9.50 40.05 11.54
C ASN B 206 -10.60 39.19 10.94
N LYS B 207 -11.72 39.07 11.65
CA LYS B 207 -12.83 38.26 11.18
C LYS B 207 -13.39 38.67 9.81
N ASP B 208 -13.18 39.93 9.42
CA ASP B 208 -13.66 40.39 8.14
C ASP B 208 -12.79 40.02 6.93
N GLU B 209 -11.69 39.29 7.16
CA GLU B 209 -10.81 38.83 6.08
C GLU B 209 -11.07 37.36 5.79
N VAL B 210 -11.69 36.68 6.75
CA VAL B 210 -11.99 35.28 6.63
C VAL B 210 -12.79 34.93 5.37
N TYR B 211 -13.93 35.56 5.16
CA TYR B 211 -14.76 35.26 4.00
C TYR B 211 -14.03 35.36 2.65
N GLN B 212 -13.26 36.42 2.47
CA GLN B 212 -12.51 36.59 1.22
C GLN B 212 -11.52 35.45 1.01
N ILE B 213 -10.89 35.00 2.08
CA ILE B 213 -9.93 33.92 2.02
C ILE B 213 -10.63 32.63 1.58
N LEU B 214 -11.79 32.34 2.16
CA LEU B 214 -12.54 31.16 1.78
C LEU B 214 -13.01 31.29 0.33
N GLU B 215 -13.43 32.50 -0.03
CA GLU B 215 -13.91 32.81 -1.37
C GLU B 215 -12.86 32.41 -2.41
N LYS B 216 -11.63 32.86 -2.20
CA LYS B 216 -10.54 32.53 -3.12
C LYS B 216 -10.34 31.02 -3.16
N GLY B 217 -10.42 30.37 -1.99
CA GLY B 217 -10.26 28.93 -1.93
C GLY B 217 -11.29 28.26 -2.83
N ALA B 218 -12.54 28.66 -2.65
CA ALA B 218 -13.65 28.15 -3.44
C ALA B 218 -13.32 28.27 -4.93
N ALA B 219 -12.84 29.45 -5.35
CA ALA B 219 -12.50 29.66 -6.75
C ALA B 219 -11.47 28.64 -7.25
N LYS B 220 -10.40 28.45 -6.50
CA LYS B 220 -9.37 27.50 -6.89
C LYS B 220 -9.96 26.08 -6.96
N ARG B 221 -10.81 25.72 -6.01
CA ARG B 221 -11.44 24.40 -5.98
C ARG B 221 -12.13 24.12 -7.32
N THR B 222 -12.87 25.11 -7.80
CA THR B 222 -13.57 24.97 -9.06
C THR B 222 -12.65 24.66 -10.23
N THR B 223 -11.50 25.34 -10.30
CA THR B 223 -10.60 25.07 -11.40
C THR B 223 -9.98 23.70 -11.19
N ALA B 224 -9.64 23.37 -9.96
CA ALA B 224 -9.11 22.05 -9.65
C ALA B 224 -10.11 21.01 -10.22
N ALA B 225 -11.39 21.19 -9.92
CA ALA B 225 -12.42 20.28 -10.43
C ALA B 225 -12.32 20.20 -11.94
N THR B 226 -12.18 21.36 -12.58
CA THR B 226 -12.05 21.40 -14.03
C THR B 226 -10.89 20.56 -14.54
N LEU B 227 -9.73 20.70 -13.91
CA LEU B 227 -8.54 19.98 -14.36
C LEU B 227 -8.36 18.53 -13.90
N MET B 228 -8.93 18.15 -12.76
CA MET B 228 -8.74 16.78 -12.30
C MET B 228 -10.05 16.01 -12.16
N ASN B 229 -10.10 14.82 -12.76
CA ASN B 229 -11.31 14.00 -12.73
C ASN B 229 -11.81 13.71 -11.32
N ALA B 230 -13.08 13.99 -11.09
CA ALA B 230 -13.73 13.77 -9.81
C ALA B 230 -12.93 14.34 -8.64
N TYR B 231 -12.33 15.51 -8.84
CA TYR B 231 -11.53 16.15 -7.81
C TYR B 231 -12.16 16.25 -6.41
N SER B 232 -13.38 16.78 -6.33
CA SER B 232 -14.03 16.96 -5.05
C SER B 232 -14.25 15.64 -4.29
N SER B 233 -14.34 14.53 -5.01
CA SER B 233 -14.54 13.23 -4.34
C SER B 233 -13.28 12.45 -4.05
N ARG B 234 -12.26 12.60 -4.89
CA ARG B 234 -11.06 11.81 -4.70
C ARG B 234 -9.88 12.51 -4.07
N SER B 235 -10.09 13.74 -3.61
CA SER B 235 -9.04 14.51 -2.99
C SER B 235 -9.25 14.65 -1.49
N HIS B 236 -8.14 14.76 -0.76
CA HIS B 236 -8.13 14.93 0.68
C HIS B 236 -7.71 16.39 0.89
N SER B 237 -8.44 17.12 1.73
CA SER B 237 -8.07 18.52 1.98
C SER B 237 -7.76 18.74 3.45
N VAL B 238 -6.62 19.36 3.69
CA VAL B 238 -6.17 19.65 5.05
C VAL B 238 -6.15 21.16 5.26
N PHE B 239 -7.21 21.70 5.86
CA PHE B 239 -7.29 23.14 6.14
C PHE B 239 -6.79 23.37 7.56
N SER B 240 -5.59 23.93 7.69
CA SER B 240 -4.98 24.19 8.99
C SER B 240 -5.09 25.64 9.44
N VAL B 241 -5.13 25.84 10.75
CA VAL B 241 -5.19 27.18 11.30
C VAL B 241 -4.25 27.19 12.50
N THR B 242 -3.22 28.02 12.42
CA THR B 242 -2.21 28.12 13.47
C THR B 242 -2.42 29.42 14.22
N ILE B 243 -2.43 29.35 15.56
CA ILE B 243 -2.63 30.56 16.35
C ILE B 243 -1.44 30.85 17.26
N HIS B 244 -0.56 31.74 16.83
CA HIS B 244 0.60 32.11 17.63
C HIS B 244 0.06 33.06 18.71
N MET B 245 0.26 32.71 19.97
CA MET B 245 -0.24 33.54 21.06
C MET B 245 0.81 33.98 22.05
N LYS B 246 0.64 35.19 22.58
CA LYS B 246 1.56 35.75 23.55
C LYS B 246 0.79 36.56 24.59
N GLU B 247 0.83 36.11 25.84
CA GLU B 247 0.16 36.84 26.90
C GLU B 247 1.27 37.31 27.84
N THR B 248 1.07 38.41 28.53
CA THR B 248 2.11 38.88 29.43
C THR B 248 1.56 39.04 30.84
N THR B 249 2.24 38.43 31.79
CA THR B 249 1.83 38.46 33.19
C THR B 249 1.87 39.86 33.80
N ILE B 250 1.50 39.93 35.07
CA ILE B 250 1.50 41.18 35.82
C ILE B 250 2.93 41.63 36.09
N ASP B 251 3.89 40.72 35.91
CA ASP B 251 5.31 40.98 36.13
C ASP B 251 6.06 41.35 34.84
N GLY B 252 5.34 41.52 33.73
CA GLY B 252 5.99 41.88 32.48
C GLY B 252 6.51 40.68 31.69
N GLU B 253 6.54 39.52 32.32
CA GLU B 253 7.02 38.31 31.66
C GLU B 253 6.08 37.94 30.52
N GLU B 254 6.63 37.32 29.49
CA GLU B 254 5.80 36.94 28.37
C GLU B 254 5.72 35.43 28.17
N LEU B 255 4.49 34.93 28.10
CA LEU B 255 4.21 33.52 27.91
C LEU B 255 3.73 33.32 26.47
N VAL B 256 4.46 32.52 25.70
CA VAL B 256 4.07 32.27 24.32
C VAL B 256 3.50 30.87 24.22
N LYS B 257 2.59 30.68 23.27
CA LYS B 257 1.91 29.42 23.08
C LYS B 257 1.45 29.32 21.64
N ILE B 258 1.67 28.16 21.03
CA ILE B 258 1.30 27.94 19.65
C ILE B 258 0.28 26.82 19.56
N GLY B 259 -0.87 27.11 18.97
CA GLY B 259 -1.89 26.09 18.82
C GLY B 259 -2.23 25.89 17.36
N LYS B 260 -2.30 24.64 16.92
CA LYS B 260 -2.65 24.37 15.52
C LYS B 260 -3.82 23.41 15.42
N LEU B 261 -4.80 23.76 14.59
CA LEU B 261 -5.99 22.95 14.38
C LEU B 261 -6.07 22.53 12.91
N ASN B 262 -6.06 21.22 12.66
CA ASN B 262 -6.17 20.70 11.30
C ASN B 262 -7.59 20.21 11.06
N LEU B 263 -8.22 20.70 10.00
CA LEU B 263 -9.57 20.29 9.65
C LEU B 263 -9.47 19.48 8.36
N VAL B 264 -9.56 18.16 8.47
CA VAL B 264 -9.39 17.30 7.31
C VAL B 264 -10.62 16.69 6.69
N ASP B 265 -10.88 17.07 5.45
CA ASP B 265 -12.02 16.55 4.69
C ASP B 265 -11.45 15.45 3.80
N LEU B 266 -11.66 14.19 4.18
CA LEU B 266 -11.10 13.07 3.41
C LEU B 266 -11.84 12.73 2.11
N ALA B 267 -11.16 11.98 1.25
CA ALA B 267 -11.74 11.54 0.00
C ALA B 267 -12.82 10.53 0.37
N GLY B 268 -13.82 10.36 -0.48
CA GLY B 268 -14.88 9.40 -0.21
C GLY B 268 -14.36 7.99 0.03
N SER B 269 -14.87 7.38 1.10
CA SER B 269 -14.48 6.02 1.49
C SER B 269 -15.02 4.89 0.61
N GLU B 270 -15.92 5.18 -0.30
CA GLU B 270 -16.49 4.14 -1.16
C GLU B 270 -15.50 3.57 -2.17
N ASN B 271 -15.56 2.26 -2.38
CA ASN B 271 -14.66 1.63 -3.34
C ASN B 271 -15.09 0.21 -3.69
N ASN B 287 -10.40 4.18 -9.07
CA ASN B 287 -8.98 3.84 -9.01
C ASN B 287 -8.54 3.70 -7.54
N ILE B 288 -7.23 3.69 -7.33
CA ILE B 288 -6.72 3.53 -5.97
C ILE B 288 -6.25 4.82 -5.34
N ASN B 289 -6.69 5.03 -4.12
CA ASN B 289 -6.30 6.22 -3.40
C ASN B 289 -5.27 5.77 -2.35
N GLN B 290 -4.00 5.89 -2.70
CA GLN B 290 -2.93 5.49 -1.81
C GLN B 290 -3.02 6.09 -0.41
N SER B 291 -3.44 7.35 -0.31
CA SER B 291 -3.56 8.00 0.99
C SER B 291 -4.70 7.45 1.83
N LEU B 292 -5.81 7.11 1.17
CA LEU B 292 -6.93 6.52 1.88
C LEU B 292 -6.55 5.10 2.30
N LEU B 293 -6.02 4.33 1.35
CA LEU B 293 -5.60 2.98 1.60
C LEU B 293 -4.64 2.96 2.81
N THR B 294 -3.65 3.84 2.78
CA THR B 294 -2.68 3.90 3.86
C THR B 294 -3.30 4.33 5.18
N LEU B 295 -4.26 5.25 5.14
CA LEU B 295 -4.92 5.70 6.36
C LEU B 295 -5.54 4.52 7.07
N GLY B 296 -6.16 3.62 6.32
CA GLY B 296 -6.76 2.44 6.90
C GLY B 296 -5.77 1.45 7.47
N ARG B 297 -4.63 1.27 6.80
CA ARG B 297 -3.61 0.35 7.28
C ARG B 297 -2.95 0.90 8.54
N VAL B 298 -2.84 2.23 8.62
CA VAL B 298 -2.25 2.88 9.78
C VAL B 298 -3.18 2.66 10.98
N ILE B 299 -4.47 2.92 10.81
CA ILE B 299 -5.40 2.72 11.92
C ILE B 299 -5.43 1.26 12.36
N THR B 300 -5.36 0.33 11.41
CA THR B 300 -5.34 -1.08 11.76
C THR B 300 -4.08 -1.33 12.59
N ALA B 301 -2.92 -0.95 12.08
CA ALA B 301 -1.67 -1.14 12.81
C ALA B 301 -1.72 -0.58 14.23
N LEU B 302 -2.29 0.63 14.38
CA LEU B 302 -2.40 1.29 15.67
C LEU B 302 -3.30 0.55 16.64
N VAL B 303 -4.45 0.11 16.14
CA VAL B 303 -5.44 -0.61 16.93
C VAL B 303 -5.02 -2.03 17.27
N GLU B 304 -4.32 -2.71 16.36
CA GLU B 304 -3.85 -4.07 16.62
C GLU B 304 -2.51 -4.02 17.34
N ARG B 305 -2.12 -2.82 17.77
CA ARG B 305 -0.88 -2.57 18.49
C ARG B 305 0.39 -3.14 17.87
N THR B 306 0.37 -3.49 16.59
CA THR B 306 1.55 -4.02 15.94
C THR B 306 2.63 -2.95 16.00
N PRO B 307 3.88 -3.36 16.22
CA PRO B 307 5.04 -2.45 16.31
C PRO B 307 5.27 -1.46 15.17
N HIS B 308 5.02 -1.88 13.94
CA HIS B 308 5.24 -1.01 12.79
C HIS B 308 3.95 -0.33 12.28
N VAL B 309 4.02 0.97 12.06
CA VAL B 309 2.89 1.76 11.54
C VAL B 309 3.38 2.33 10.23
N PRO B 310 2.71 2.02 9.12
CA PRO B 310 3.12 2.52 7.81
C PRO B 310 2.85 3.98 7.41
N TYR B 311 3.09 4.90 8.35
CA TYR B 311 2.91 6.33 8.10
C TYR B 311 3.49 6.80 6.78
N ARG B 312 4.71 6.37 6.50
CA ARG B 312 5.46 6.77 5.31
C ARG B 312 4.91 6.31 3.97
N GLU B 313 3.92 5.44 3.98
CA GLU B 313 3.37 4.94 2.72
C GLU B 313 2.43 5.86 1.96
N SER B 314 2.16 7.06 2.48
CA SER B 314 1.30 8.02 1.79
C SER B 314 1.56 9.44 2.26
N LYS B 315 1.22 10.41 1.41
CA LYS B 315 1.41 11.81 1.74
C LYS B 315 0.55 12.18 2.94
N LEU B 316 -0.71 11.75 2.91
CA LEU B 316 -1.64 12.03 3.98
C LEU B 316 -1.13 11.57 5.34
N THR B 317 -0.83 10.28 5.48
CA THR B 317 -0.37 9.79 6.77
C THR B 317 0.97 10.35 7.21
N ARG B 318 1.82 10.78 6.27
CA ARG B 318 3.08 11.41 6.67
C ARG B 318 2.78 12.80 7.21
N ILE B 319 1.95 13.55 6.49
CA ILE B 319 1.60 14.91 6.89
C ILE B 319 0.86 14.94 8.24
N LEU B 320 -0.04 13.98 8.45
CA LEU B 320 -0.83 13.89 9.67
C LEU B 320 -0.33 12.87 10.69
N GLN B 321 0.90 12.42 10.56
CA GLN B 321 1.49 11.43 11.47
C GLN B 321 1.22 11.69 12.96
N ASP B 322 1.46 12.91 13.41
CA ASP B 322 1.23 13.24 14.81
C ASP B 322 -0.23 13.08 15.23
N SER B 323 -1.14 13.03 14.25
CA SER B 323 -2.57 12.89 14.52
C SER B 323 -3.05 11.43 14.59
N LEU B 324 -2.12 10.48 14.48
CA LEU B 324 -2.50 9.08 14.54
C LEU B 324 -1.58 8.30 15.47
N GLY B 325 -1.92 8.30 16.76
CA GLY B 325 -1.10 7.63 17.75
C GLY B 325 0.05 8.50 18.18
N GLY B 326 -0.10 9.82 18.04
CA GLY B 326 0.95 10.76 18.41
C GLY B 326 0.48 11.67 19.54
N ARG B 327 1.03 12.88 19.62
CA ARG B 327 0.69 13.83 20.67
C ARG B 327 -0.40 14.84 20.33
N THR B 328 -1.14 14.60 19.26
CA THR B 328 -2.22 15.51 18.86
C THR B 328 -3.58 14.96 19.26
N ARG B 329 -4.45 15.82 19.78
CA ARG B 329 -5.81 15.39 20.16
C ARG B 329 -6.57 15.20 18.85
N THR B 330 -7.07 14.00 18.62
CA THR B 330 -7.78 13.69 17.38
C THR B 330 -9.22 13.25 17.54
N SER B 331 -10.05 13.72 16.62
CA SER B 331 -11.46 13.40 16.63
C SER B 331 -11.88 13.09 15.20
N ILE B 332 -12.65 12.01 15.04
CA ILE B 332 -13.12 11.63 13.72
C ILE B 332 -14.65 11.75 13.64
N ILE B 333 -15.12 12.50 12.66
CA ILE B 333 -16.55 12.64 12.45
C ILE B 333 -16.87 11.75 11.26
N ALA B 334 -17.53 10.62 11.52
CA ALA B 334 -17.92 9.67 10.47
C ALA B 334 -19.32 9.96 9.98
N THR B 335 -19.47 10.19 8.68
CA THR B 335 -20.77 10.52 8.10
C THR B 335 -21.43 9.35 7.39
N ILE B 336 -22.74 9.23 7.51
CA ILE B 336 -23.45 8.14 6.87
C ILE B 336 -24.76 8.57 6.22
N SER B 337 -25.30 7.68 5.41
CA SER B 337 -26.55 7.89 4.70
C SER B 337 -27.68 7.10 5.35
N PRO B 338 -28.91 7.61 5.28
CA PRO B 338 -30.07 6.92 5.86
C PRO B 338 -30.78 6.04 4.85
N ALA B 339 -30.33 6.07 3.60
CA ALA B 339 -30.97 5.33 2.53
C ALA B 339 -30.50 3.88 2.44
N SER B 340 -31.45 2.98 2.20
CA SER B 340 -31.15 1.57 2.09
C SER B 340 -30.22 1.25 0.92
N LEU B 341 -30.21 2.10 -0.11
CA LEU B 341 -29.34 1.88 -1.25
C LEU B 341 -27.86 1.96 -0.84
N ASN B 342 -27.59 2.63 0.28
CA ASN B 342 -26.24 2.81 0.78
C ASN B 342 -25.90 1.91 1.97
N LEU B 343 -26.64 0.83 2.13
CA LEU B 343 -26.39 -0.07 3.26
C LEU B 343 -24.95 -0.55 3.37
N GLU B 344 -24.46 -1.23 2.35
CA GLU B 344 -23.09 -1.74 2.40
C GLU B 344 -22.02 -0.71 2.82
N GLU B 345 -22.05 0.48 2.23
CA GLU B 345 -21.06 1.50 2.56
C GLU B 345 -21.29 2.08 3.95
N THR B 346 -22.55 2.21 4.35
CA THR B 346 -22.87 2.71 5.68
C THR B 346 -22.26 1.78 6.73
N LEU B 347 -22.40 0.47 6.52
CA LEU B 347 -21.83 -0.51 7.45
C LEU B 347 -20.30 -0.43 7.42
N SER B 348 -19.74 -0.41 6.22
CA SER B 348 -18.29 -0.33 6.09
C SER B 348 -17.78 0.87 6.88
N THR B 349 -18.45 2.01 6.74
CA THR B 349 -18.07 3.22 7.47
C THR B 349 -18.19 3.07 8.99
N LEU B 350 -19.34 2.58 9.47
CA LEU B 350 -19.51 2.38 10.92
C LEU B 350 -18.45 1.44 11.47
N GLU B 351 -18.20 0.35 10.76
CA GLU B 351 -17.22 -0.63 11.18
C GLU B 351 -15.85 0.04 11.27
N TYR B 352 -15.51 0.82 10.26
CA TYR B 352 -14.24 1.54 10.20
C TYR B 352 -14.14 2.53 11.36
N ALA B 353 -15.19 3.33 11.55
CA ALA B 353 -15.22 4.30 12.62
C ALA B 353 -15.10 3.62 14.00
N HIS B 354 -15.76 2.47 14.17
CA HIS B 354 -15.71 1.76 15.45
C HIS B 354 -14.30 1.26 15.77
N ARG B 355 -13.62 0.67 14.79
CA ARG B 355 -12.25 0.20 15.00
C ARG B 355 -11.38 1.37 15.46
N ALA B 356 -11.58 2.54 14.87
CA ALA B 356 -10.79 3.72 15.20
C ALA B 356 -10.87 4.17 16.67
N LYS B 357 -11.95 3.81 17.36
CA LYS B 357 -12.11 4.20 18.76
C LYS B 357 -10.92 3.76 19.63
N ASN B 358 -10.35 2.61 19.32
CA ASN B 358 -9.22 2.06 20.06
C ASN B 358 -7.88 2.79 19.93
N ILE B 359 -7.76 3.71 19.00
CA ILE B 359 -6.50 4.43 18.85
C ILE B 359 -6.28 5.32 20.08
N LEU B 360 -5.09 5.24 20.67
CA LEU B 360 -4.76 6.07 21.83
C LEU B 360 -3.64 7.04 21.53
N ASN B 361 -3.90 8.31 21.80
CA ASN B 361 -2.94 9.37 21.55
C ASN B 361 -2.21 9.84 22.81
N LYS B 362 -1.35 10.84 22.64
CA LYS B 362 -0.56 11.40 23.73
C LYS B 362 0.21 10.33 24.48
MG MG C . 20.16 -10.93 -4.81
PB ADP D . 20.43 -13.03 -2.35
O1B ADP D . 20.51 -11.61 -2.01
O2B ADP D . 19.34 -13.76 -1.40
O3B ADP D . 20.06 -13.25 -3.76
PA ADP D . 22.84 -14.41 -3.01
O1A ADP D . 22.24 -15.51 -3.75
O2A ADP D . 23.36 -13.39 -3.91
O3A ADP D . 21.77 -13.77 -2.04
O5' ADP D . 24.09 -14.89 -2.18
C5' ADP D . 24.35 -14.77 -0.79
C4' ADP D . 25.74 -15.45 -0.55
O4' ADP D . 25.42 -16.77 -0.13
C3' ADP D . 26.65 -15.65 -1.79
O3' ADP D . 28.05 -15.49 -1.46
C2' ADP D . 26.38 -17.06 -2.28
O2' ADP D . 27.51 -17.59 -3.00
C1' ADP D . 26.01 -17.76 -0.98
N9 ADP D . 24.99 -18.86 -1.11
C8 ADP D . 23.64 -18.66 -1.14
N7 ADP D . 23.02 -19.81 -1.24
C5 ADP D . 23.94 -20.76 -1.30
C6 ADP D . 23.91 -22.16 -1.40
N6 ADP D . 22.73 -22.79 -1.48
N1 ADP D . 25.11 -22.89 -1.43
C2 ADP D . 26.34 -22.28 -1.35
N3 ADP D . 26.37 -20.92 -1.25
C4 ADP D . 25.22 -20.14 -1.21
C1 N9H E . 20.68 -12.41 -16.37
C2 N9H E . 21.99 -12.98 -16.22
C3 N9H E . 22.03 -14.34 -15.75
C4 N9H E . 20.76 -15.00 -15.51
C5 N9H E . 19.47 -14.41 -15.65
C6 N9H E . 19.45 -13.05 -16.08
C10 N9H E . 23.36 -15.02 -15.54
N1 N9H E . 24.52 -14.70 -16.11
N12 N9H E . 25.54 -15.60 -15.84
C13 N9H E . 25.09 -16.55 -14.82
C14 N9H E . 23.58 -16.39 -14.92
C17 N9H E . 25.46 -18.00 -15.21
C19 N9H E . 25.90 -18.99 -14.23
C20 N9H E . 26.17 -20.40 -14.63
C21 N9H E . 25.98 -20.78 -16.04
C22 N9H E . 25.56 -19.81 -17.02
C23 N9H E . 25.32 -18.42 -16.60
C29 N9H E . 26.91 -15.38 -16.12
N30 N9H E . 27.29 -14.47 -17.05
C31 N9H E . 28.67 -13.95 -17.27
O39 N9H E . 27.68 -16.06 -15.46
F40 N9H E . 20.78 -16.27 -15.17
F41 N9H E . 20.63 -11.20 -16.81
C7 N9H E . 25.55 -16.10 -13.37
C8 N9H E . 25.20 -14.61 -12.92
C9 N9H E . 29.05 -12.89 -16.23
C11 N9H E . 25.42 -13.98 -11.46
N2 N9H E . 24.54 -14.47 -10.37
MG MG F . -17.28 16.39 -0.83
PB ADP G . -19.69 14.64 0.77
O1B ADP G . -19.36 14.05 -0.58
O2B ADP G . -19.68 13.53 1.88
O3B ADP G . -18.76 15.74 1.12
PA ADP G . -21.68 16.64 0.82
O1A ADP G . -21.38 17.24 2.11
O2A ADP G . -21.03 17.44 -0.23
O3A ADP G . -21.16 15.18 0.76
O5' ADP G . -23.23 16.71 0.57
C5' ADP G . -24.16 15.69 0.29
C4' ADP G . -25.54 16.42 0.15
O4' ADP G . -26.29 16.08 1.32
C3' ADP G . -25.48 17.96 0.13
O3' ADP G . -26.26 18.50 -0.95
C2' ADP G . -26.00 18.46 1.49
O2' ADP G . -26.80 19.64 1.42
C1' ADP G . -26.70 17.24 2.06
N9 ADP G . -26.37 17.00 3.51
C8 ADP G . -25.37 16.19 3.94
N7 ADP G . -25.35 16.18 5.26
C5 ADP G . -26.32 16.95 5.69
C6 ADP G . -26.79 17.33 6.94
N6 ADP G . -26.19 16.84 8.04
N1 ADP G . -27.87 18.19 7.06
C2 ADP G . -28.51 18.72 5.96
N3 ADP G . -28.06 18.36 4.74
C4 ADP G . -26.98 17.50 4.56
C1 N9H H . -12.70 26.57 0.90
C2 N9H H . -13.93 27.26 0.83
C3 N9H H . -14.72 27.16 2.02
C4 N9H H . -14.20 26.46 3.20
C5 N9H H . -12.98 25.73 3.22
C6 N9H H . -12.23 25.80 2.03
C10 N9H H . -16.07 27.75 2.00
N1 N9H H . -16.44 28.79 1.26
N12 N9H H . -17.73 29.13 1.36
C13 N9H H . -18.37 28.24 2.33
C14 N9H H . -17.20 27.46 2.95
C17 N9H H . -19.09 29.04 3.45
C19 N9H H . -20.40 28.62 3.91
C20 N9H H . -21.02 29.29 5.02
C21 N9H H . -20.31 30.39 5.66
C22 N9H H . -19.04 30.88 5.19
C23 N9H H . -18.42 30.19 4.07
C29 N9H H . -18.34 30.02 0.46
N30 N9H H . -17.63 30.50 -0.61
C31 N9H H . -18.37 31.17 -1.66
O39 N9H H . -19.51 30.33 0.69
F40 N9H H . -14.90 26.61 4.32
F41 N9H H . -11.93 26.64 -0.18
C7 N9H H . -19.34 27.35 1.53
C8 N9H H . -18.77 26.48 0.41
C9 N9H H . -17.42 31.36 -2.81
C11 N9H H . -18.85 24.96 0.74
N2 N9H H . -18.51 24.13 -0.42
#